data_9DPL
#
_entry.id   9DPL
#
_cell.length_a   1.00
_cell.length_b   1.00
_cell.length_c   1.00
_cell.angle_alpha   90.00
_cell.angle_beta   90.00
_cell.angle_gamma   90.00
#
_symmetry.space_group_name_H-M   'P 1'
#
loop_
_entity.id
_entity.type
_entity.pdbx_description
1 polymer 'Lysine--tRNA ligase'
2 polymer 'tRNA-Lys3 (Cellular modified)'
3 polymer 'Aminoacyl tRNA synthase complex-interacting multifunctional protein 2'
4 non-polymer LYSINE
5 non-polymer 'ADENOSINE MONOPHOSPHATE'
6 non-polymer 'SODIUM ION'
7 non-polymer 'MAGNESIUM ION'
#
loop_
_entity_poly.entity_id
_entity_poly.type
_entity_poly.pdbx_seq_one_letter_code
_entity_poly.pdbx_strand_id
1 'polypeptide(L)'
;MAAVQAAEVKVDGSEPKLSKNELKRRLKAEKKVAEKEAKQKELSEKQLSQATAAATNHTTDNGVGPEEESVDPNQYYKIR
SQAIHQLKVNGEDPYPHKFHVDISLTDFIQKYSHLQPGDHLTDITLKVAGRIHAKRASGGKLIFYDLRGEGVKLQVMANS
RNYKSEEEFIHINNKLRRGDIIGVQGNPGKTKKGELSIIPYEITLLSPCLHMLPHLHFGLKDKETRYRQRYLDLILNDFV
RQKFIIRSKIITYIRSFLDELGFLEIETPMMNIIPGGAVAKPFITYHNELDMNLYMRIAPELYHKMLVVGGIDRVYEIGR
QFRNEGIDLTHNPEFTTCEFYMAYADYHDLMEITEKMVSGMVKHITGSYKVTYHPDGPEGQAYDVDFTPPFRRINMVEEL
EKALGMKLPETNLFETEETRKILDDICVAKAVECPPPRTTARLLDKLVGEFLEVTCINPTFICDHPQIMSPLAKWHRSKE
GLTERFELFVMKKEICNAYTELNDPMRQRQLFEEQAKAKAAGDDEAMFIDENFCTALEYGLPPTAGWGMGIDRVAMFLTD
SNNIKEVLLFPAMKPEDKKENVATTDTLESTTVGTSV
;
A,B
2 'polyribonucleotide'
;GCCCGGAUA(2MG)CUCAG(H2U)CGG(H2U)AGAGCA(PSU)CAGACU(70U)UU(12A)A(PSU)CUGAGG(7MG)
(H2U)(5MC)(5MC)AGGG(2MU)(PSU)CA(1MA)GUCCCUGUUCGGGCGCCA
;
C
3 'polypeptide(L)' MPMYQVKPYHGGGAPLRVELPTCMYRLPNVHGRSYG D,E
#
loop_
_chem_comp.id
_chem_comp.type
_chem_comp.name
_chem_comp.formula
12A RNA linking 2-METHYLTHIO-N6-(AMINOCARBONYL-L-THREONYL)-ADENOSINE-5'-MONOPHOSPHATE 'C16 H23 N6 O11 P S'
1MA RNA linking 6-HYDRO-1-METHYLADENOSINE-5'-MONOPHOSPHATE 'C11 H16 N5 O7 P'
2MG RNA linking 2N-METHYLGUANOSINE-5'-MONOPHOSPHATE 'C11 H16 N5 O8 P'
2MU RNA linking 2',5-DIMETHYLURIDINE-5'-MONOPHOSPHATE 'C11 H17 N2 O9 P'
5MC RNA linking 5-METHYLCYTIDINE-5'-MONOPHOSPHATE 'C10 H16 N3 O8 P'
70U RNA linking 5-(O-METHYLACETO)-2-THIO-2-DEOXY-URIDINE-5'-MONOPHOSPHATE 'C12 H17 N2 O10 P S'
7MG RNA linking 7N-METHYL-8-HYDROGUANOSINE-5'-MONOPHOSPHATE 'C11 H18 N5 O8 P'
A RNA linking ADENOSINE-5'-MONOPHOSPHATE 'C10 H14 N5 O7 P'
AMP non-polymer 'ADENOSINE MONOPHOSPHATE' 'C10 H14 N5 O7 P'
C RNA linking CYTIDINE-5'-MONOPHOSPHATE 'C9 H14 N3 O8 P'
G RNA linking GUANOSINE-5'-MONOPHOSPHATE 'C10 H14 N5 O8 P'
H2U RNA linking 5,6-DIHYDROURIDINE-5'-MONOPHOSPHATE 'C9 H15 N2 O9 P'
MG non-polymer 'MAGNESIUM ION' 'Mg 2'
NA non-polymer 'SODIUM ION' 'Na 1'
PSU RNA linking PSEUDOURIDINE-5'-MONOPHOSPHATE 'C9 H13 N2 O9 P'
U RNA linking URIDINE-5'-MONOPHOSPHATE 'C9 H13 N2 O9 P'
#
# COMPACT_ATOMS: atom_id res chain seq x y z
N SER A 14 3.77 -50.68 -24.54
CA SER A 14 3.09 -49.36 -24.54
C SER A 14 2.32 -49.17 -25.86
N GLU A 15 2.34 -47.95 -26.40
CA GLU A 15 1.63 -47.68 -27.69
C GLU A 15 2.18 -48.61 -28.77
N PRO A 16 1.32 -49.32 -29.54
CA PRO A 16 1.79 -50.17 -30.63
C PRO A 16 2.66 -49.38 -31.60
N LYS A 17 3.87 -49.88 -31.89
CA LYS A 17 4.79 -49.20 -32.83
C LYS A 17 4.94 -47.76 -32.36
N LEU A 18 4.49 -47.50 -31.13
CA LEU A 18 4.63 -46.13 -30.58
C LEU A 18 4.16 -45.14 -31.63
N SER A 19 4.92 -44.06 -31.82
CA SER A 19 4.57 -43.09 -32.88
C SER A 19 5.78 -43.00 -33.78
N LYS A 20 5.58 -42.75 -35.06
CA LYS A 20 6.78 -42.56 -35.92
C LYS A 20 7.76 -41.66 -35.14
N ASN A 21 7.27 -40.57 -34.54
CA ASN A 21 8.15 -39.64 -33.79
C ASN A 21 8.93 -40.40 -32.73
N GLU A 22 8.23 -40.89 -31.72
CA GLU A 22 8.91 -41.64 -30.66
C GLU A 22 9.93 -42.56 -31.32
N LEU A 23 9.46 -43.39 -32.24
CA LEU A 23 10.40 -44.35 -32.87
C LEU A 23 11.58 -43.52 -33.35
N LYS A 24 11.28 -42.51 -34.15
CA LYS A 24 12.37 -41.69 -34.72
C LYS A 24 13.26 -41.24 -33.57
N ARG A 25 12.66 -40.61 -32.56
CA ARG A 25 13.50 -40.05 -31.48
C ARG A 25 14.39 -41.16 -30.93
N ARG A 26 13.84 -42.35 -30.78
CA ARG A 26 14.63 -43.44 -30.16
C ARG A 26 15.91 -43.68 -30.95
N LEU A 27 15.80 -43.91 -32.26
CA LEU A 27 17.00 -44.26 -33.03
C LEU A 27 18.10 -43.22 -32.78
N LYS A 28 17.82 -41.95 -33.07
CA LYS A 28 18.87 -40.93 -32.93
C LYS A 28 19.62 -41.22 -31.63
N ALA A 29 18.88 -41.29 -30.54
CA ALA A 29 19.52 -41.59 -29.25
C ALA A 29 20.48 -42.75 -29.47
N GLU A 30 19.92 -43.87 -29.90
CA GLU A 30 20.76 -45.04 -30.11
C GLU A 30 22.01 -44.68 -30.91
N LYS A 31 21.82 -43.93 -31.99
CA LYS A 31 22.95 -43.50 -32.80
C LYS A 31 23.89 -42.62 -32.00
N LYS A 32 23.33 -41.72 -31.19
CA LYS A 32 24.11 -40.82 -30.36
C LYS A 32 25.01 -41.61 -29.42
N VAL A 33 24.43 -42.54 -28.67
CA VAL A 33 25.21 -43.29 -27.68
C VAL A 33 26.22 -44.20 -28.36
N ALA A 34 25.83 -44.77 -29.51
CA ALA A 34 26.75 -45.65 -30.24
C ALA A 34 27.97 -44.87 -30.73
N GLU A 35 27.74 -43.71 -31.34
CA GLU A 35 28.84 -42.88 -31.80
C GLU A 35 29.70 -42.42 -30.62
N LYS A 36 29.05 -42.05 -29.52
CA LYS A 36 29.78 -41.59 -28.34
C LYS A 36 30.73 -42.66 -27.83
N GLU A 37 30.22 -43.88 -27.64
CA GLU A 37 31.07 -44.95 -27.12
C GLU A 37 32.14 -45.34 -28.13
N ALA A 38 31.80 -45.33 -29.43
CA ALA A 38 32.77 -45.67 -30.44
C ALA A 38 33.87 -44.62 -30.58
N LYS A 39 33.60 -43.39 -30.15
CA LYS A 39 34.59 -42.33 -30.22
C LYS A 39 35.45 -42.26 -28.96
N GLN A 40 34.81 -42.16 -27.79
CA GLN A 40 35.59 -41.97 -26.56
C GLN A 40 36.46 -43.19 -26.26
N LYS A 41 35.94 -44.39 -26.47
CA LYS A 41 36.72 -45.59 -26.23
C LYS A 41 37.64 -45.96 -27.39
N GLU A 42 37.52 -45.26 -28.53
CA GLU A 42 38.49 -45.47 -29.60
C GLU A 42 39.89 -45.06 -29.16
N LEU A 43 39.98 -44.09 -28.25
CA LEU A 43 41.27 -43.63 -27.73
C LEU A 43 41.94 -44.73 -26.92
N GLU A 69 31.67 -40.46 -10.92
CA GLU A 69 31.46 -40.20 -12.34
C GLU A 69 31.56 -38.71 -12.65
N SER A 70 32.27 -38.38 -13.71
CA SER A 70 32.45 -36.98 -14.10
C SER A 70 31.17 -36.44 -14.72
N VAL A 71 30.55 -35.48 -14.06
CA VAL A 71 29.35 -34.83 -14.58
C VAL A 71 29.76 -33.89 -15.70
N ASP A 72 28.92 -33.78 -16.72
CA ASP A 72 29.20 -32.87 -17.83
C ASP A 72 29.25 -31.44 -17.32
N PRO A 73 30.16 -30.61 -17.84
CA PRO A 73 30.33 -29.25 -17.30
C PRO A 73 29.09 -28.38 -17.40
N ASN A 74 28.19 -28.66 -18.36
CA ASN A 74 27.00 -27.84 -18.50
C ASN A 74 26.04 -27.99 -17.33
N GLN A 75 26.12 -29.10 -16.60
CA GLN A 75 25.28 -29.32 -15.42
C GLN A 75 25.94 -28.65 -14.23
N TYR A 76 25.94 -27.31 -14.26
CA TYR A 76 26.55 -26.56 -13.17
C TYR A 76 25.79 -26.74 -11.87
N TYR A 77 24.47 -26.90 -11.95
CA TYR A 77 23.68 -27.03 -10.73
C TYR A 77 24.08 -28.26 -9.94
N LYS A 78 24.25 -29.39 -10.60
CA LYS A 78 24.61 -30.62 -9.90
C LYS A 78 25.99 -30.53 -9.27
N ILE A 79 26.97 -30.01 -10.02
CA ILE A 79 28.34 -29.90 -9.51
C ILE A 79 28.37 -28.95 -8.32
N ARG A 80 27.72 -27.80 -8.45
CA ARG A 80 27.71 -26.83 -7.37
C ARG A 80 26.98 -27.37 -6.14
N SER A 81 25.87 -28.08 -6.35
CA SER A 81 25.13 -28.64 -5.22
C SER A 81 25.95 -29.69 -4.49
N GLN A 82 26.65 -30.56 -5.24
CA GLN A 82 27.53 -31.53 -4.60
C GLN A 82 28.69 -30.88 -3.87
N ALA A 83 29.29 -29.83 -4.43
CA ALA A 83 30.33 -29.11 -3.71
C ALA A 83 29.82 -28.49 -2.42
N ILE A 84 28.62 -27.90 -2.46
CA ILE A 84 28.05 -27.30 -1.26
C ILE A 84 27.74 -28.37 -0.22
N HIS A 85 27.22 -29.52 -0.67
CA HIS A 85 26.95 -30.62 0.25
C HIS A 85 28.24 -31.12 0.90
N GLN A 86 29.30 -31.26 0.12
CA GLN A 86 30.59 -31.66 0.68
C GLN A 86 31.11 -30.62 1.66
N LEU A 87 30.88 -29.33 1.37
CA LEU A 87 31.24 -28.30 2.34
C LEU A 87 30.45 -28.45 3.63
N LYS A 88 29.17 -28.80 3.51
CA LYS A 88 28.34 -28.98 4.70
C LYS A 88 28.82 -30.16 5.54
N VAL A 89 29.17 -31.28 4.91
CA VAL A 89 29.45 -32.49 5.68
C VAL A 89 30.75 -32.38 6.44
N ASN A 90 31.75 -31.68 5.90
CA ASN A 90 33.06 -31.64 6.54
C ASN A 90 33.26 -30.41 7.42
N GLY A 91 32.18 -29.72 7.79
CA GLY A 91 32.23 -28.68 8.79
C GLY A 91 32.21 -27.25 8.26
N GLU A 92 32.49 -27.06 6.98
CA GLU A 92 32.53 -25.71 6.40
C GLU A 92 31.14 -25.36 5.86
N ASP A 93 30.25 -25.02 6.79
CA ASP A 93 28.89 -24.68 6.41
C ASP A 93 28.88 -23.35 5.66
N PRO A 94 28.38 -23.32 4.42
CA PRO A 94 28.43 -22.09 3.61
C PRO A 94 27.30 -21.11 3.86
N TYR A 95 26.55 -21.24 4.95
CA TYR A 95 25.43 -20.35 5.26
C TYR A 95 25.59 -19.83 6.67
N PRO A 96 26.52 -18.89 6.90
CA PRO A 96 26.67 -18.31 8.24
C PRO A 96 25.42 -17.53 8.64
N HIS A 97 25.15 -17.53 9.94
CA HIS A 97 23.94 -16.87 10.43
C HIS A 97 24.08 -15.36 10.39
N LYS A 98 25.21 -14.82 10.83
CA LYS A 98 25.40 -13.38 10.96
C LYS A 98 26.76 -12.97 10.43
N PHE A 99 26.78 -11.94 9.59
CA PHE A 99 28.00 -11.29 9.16
C PHE A 99 27.89 -9.81 9.48
N HIS A 100 28.88 -9.28 10.20
CA HIS A 100 28.83 -7.89 10.67
C HIS A 100 29.44 -6.98 9.61
N VAL A 101 28.59 -6.20 8.95
CA VAL A 101 29.04 -5.28 7.92
C VAL A 101 29.34 -3.93 8.56
N ASP A 102 30.56 -3.44 8.34
CA ASP A 102 30.97 -2.18 8.93
C ASP A 102 30.49 -0.98 8.11
N ILE A 103 30.58 -1.08 6.79
CA ILE A 103 30.29 0.05 5.91
C ILE A 103 29.66 -0.48 4.62
N SER A 104 28.83 0.35 4.02
CA SER A 104 28.22 0.01 2.74
C SER A 104 29.18 0.33 1.60
N LEU A 105 28.93 -0.30 0.45
CA LEU A 105 29.78 -0.10 -0.71
C LEU A 105 29.77 1.35 -1.21
N THR A 106 28.60 1.98 -1.23
CA THR A 106 28.53 3.37 -1.66
C THR A 106 29.33 4.29 -0.75
N ASP A 107 29.23 4.09 0.56
CA ASP A 107 30.02 4.87 1.50
C ASP A 107 31.51 4.58 1.36
N PHE A 108 31.88 3.33 1.08
CA PHE A 108 33.27 3.00 0.83
C PHE A 108 33.81 3.78 -0.38
N ILE A 109 33.05 3.75 -1.48
CA ILE A 109 33.47 4.47 -2.67
C ILE A 109 33.59 5.96 -2.39
N GLN A 110 32.60 6.52 -1.68
CA GLN A 110 32.62 7.95 -1.38
C GLN A 110 33.81 8.31 -0.50
N LYS A 111 34.12 7.48 0.49
CA LYS A 111 35.16 7.83 1.45
C LYS A 111 36.55 7.68 0.85
N TYR A 112 36.79 6.62 0.07
CA TYR A 112 38.15 6.28 -0.34
C TYR A 112 38.38 6.47 -1.83
N SER A 113 37.64 7.35 -2.48
CA SER A 113 37.91 7.67 -3.87
C SER A 113 39.06 8.64 -4.04
N HIS A 114 39.60 9.18 -2.95
CA HIS A 114 40.68 10.16 -3.00
C HIS A 114 42.06 9.53 -2.93
N LEU A 115 42.15 8.20 -2.90
CA LEU A 115 43.44 7.54 -2.79
C LEU A 115 44.16 7.55 -4.14
N GLN A 116 45.47 7.75 -4.09
CA GLN A 116 46.32 7.68 -5.26
C GLN A 116 46.58 6.23 -5.63
N PRO A 117 46.94 5.97 -6.89
CA PRO A 117 47.29 4.59 -7.28
C PRO A 117 48.46 4.06 -6.46
N GLY A 118 48.38 2.78 -6.10
CA GLY A 118 49.39 2.15 -5.30
C GLY A 118 49.25 2.33 -3.81
N ASP A 119 48.22 3.05 -3.35
CA ASP A 119 48.05 3.27 -1.93
C ASP A 119 47.50 2.02 -1.25
N HIS A 120 47.78 1.90 0.05
CA HIS A 120 47.32 0.74 0.82
C HIS A 120 47.24 1.18 2.28
N LEU A 121 46.01 1.44 2.75
CA LEU A 121 45.78 1.91 4.11
C LEU A 121 45.84 0.72 5.06
N THR A 122 47.06 0.36 5.45
CA THR A 122 47.27 -0.83 6.27
C THR A 122 46.69 -0.69 7.68
N ASP A 123 46.35 0.53 8.09
CA ASP A 123 45.89 0.75 9.49
C ASP A 123 44.37 0.88 9.57
N ILE A 124 43.67 0.65 8.45
CA ILE A 124 42.21 0.75 8.43
C ILE A 124 41.65 -0.62 8.04
N THR A 125 40.76 -1.15 8.86
CA THR A 125 40.11 -2.42 8.60
C THR A 125 38.61 -2.21 8.50
N LEU A 126 38.01 -2.71 7.43
CA LEU A 126 36.58 -2.57 7.18
C LEU A 126 36.02 -3.89 6.72
N LYS A 127 34.70 -4.04 6.91
CA LYS A 127 33.98 -5.24 6.53
C LYS A 127 32.85 -4.85 5.58
N VAL A 128 32.86 -5.38 4.37
CA VAL A 128 31.84 -5.14 3.38
C VAL A 128 31.27 -6.49 2.93
N ALA A 129 30.22 -6.43 2.12
CA ALA A 129 29.62 -7.65 1.61
C ALA A 129 28.96 -7.36 0.27
N GLY A 130 28.90 -8.39 -0.57
CA GLY A 130 28.27 -8.22 -1.87
C GLY A 130 28.37 -9.48 -2.69
N ARG A 131 27.81 -9.41 -3.90
CA ARG A 131 27.76 -10.54 -4.81
C ARG A 131 28.91 -10.46 -5.82
N ILE A 132 29.56 -11.60 -6.05
CA ILE A 132 30.67 -11.67 -6.99
C ILE A 132 30.12 -11.67 -8.41
N HIS A 133 30.63 -10.76 -9.24
CA HIS A 133 30.23 -10.69 -10.64
C HIS A 133 31.34 -11.00 -11.62
N ALA A 134 32.60 -11.00 -11.20
CA ALA A 134 33.70 -11.37 -12.06
C ALA A 134 34.79 -11.99 -11.21
N LYS A 135 35.59 -12.87 -11.84
CA LYS A 135 36.70 -13.54 -11.18
C LYS A 135 37.84 -13.65 -12.19
N ARG A 136 38.73 -12.66 -12.19
CA ARG A 136 39.88 -12.62 -13.10
C ARG A 136 41.07 -13.16 -12.33
N ALA A 137 41.54 -14.35 -12.72
CA ALA A 137 42.68 -14.97 -12.07
C ALA A 137 43.95 -14.59 -12.84
N SER A 138 44.65 -13.58 -12.34
CA SER A 138 45.90 -13.15 -12.95
C SER A 138 47.09 -13.99 -12.52
N GLY A 139 46.87 -14.95 -11.62
CA GLY A 139 47.95 -15.82 -11.19
C GLY A 139 47.42 -16.82 -10.18
N GLY A 140 48.32 -17.67 -9.69
CA GLY A 140 47.93 -18.65 -8.71
C GLY A 140 47.70 -18.05 -7.35
N LYS A 141 48.26 -16.86 -7.13
CA LYS A 141 48.23 -16.20 -5.83
C LYS A 141 47.73 -14.75 -5.93
N LEU A 142 47.07 -14.39 -7.03
CA LEU A 142 46.53 -13.05 -7.19
C LEU A 142 45.26 -13.14 -8.03
N ILE A 143 44.12 -12.80 -7.43
CA ILE A 143 42.83 -12.89 -8.10
C ILE A 143 42.10 -11.56 -7.91
N PHE A 144 41.20 -11.25 -8.84
CA PHE A 144 40.42 -10.03 -8.79
C PHE A 144 38.94 -10.38 -8.85
N TYR A 145 38.18 -9.91 -7.88
CA TYR A 145 36.73 -10.07 -7.83
C TYR A 145 36.06 -8.71 -8.01
N ASP A 146 34.81 -8.74 -8.45
CA ASP A 146 34.02 -7.53 -8.66
C ASP A 146 32.77 -7.61 -7.80
N LEU A 147 32.84 -7.10 -6.58
CA LEU A 147 31.70 -7.06 -5.70
C LEU A 147 30.71 -6.01 -6.18
N ARG A 148 29.53 -6.43 -6.61
CA ARG A 148 28.50 -5.51 -7.05
C ARG A 148 27.37 -5.49 -6.04
N GLY A 149 27.05 -4.31 -5.54
CA GLY A 149 25.98 -4.17 -4.57
C GLY A 149 25.54 -2.73 -4.47
N GLU A 150 24.29 -2.52 -4.09
CA GLU A 150 23.68 -1.21 -3.91
C GLU A 150 23.73 -0.37 -5.17
N GLY A 151 23.85 -0.98 -6.34
CA GLY A 151 23.97 -0.25 -7.58
C GLY A 151 25.38 0.16 -7.95
N VAL A 152 26.37 -0.17 -7.14
CA VAL A 152 27.75 0.22 -7.39
C VAL A 152 28.62 -1.03 -7.44
N LYS A 153 29.89 -0.82 -7.80
CA LYS A 153 30.87 -1.89 -7.94
C LYS A 153 32.14 -1.54 -7.17
N LEU A 154 32.73 -2.54 -6.54
CA LEU A 154 33.99 -2.39 -5.82
C LEU A 154 34.87 -3.59 -6.14
N GLN A 155 36.13 -3.32 -6.49
CA GLN A 155 37.05 -4.41 -6.78
C GLN A 155 37.59 -5.00 -5.49
N VAL A 156 37.97 -6.27 -5.57
CA VAL A 156 38.62 -6.98 -4.47
C VAL A 156 39.85 -7.66 -5.05
N MET A 157 41.03 -7.15 -4.71
CA MET A 157 42.27 -7.76 -5.18
C MET A 157 42.81 -8.65 -4.06
N ALA A 158 42.66 -9.96 -4.25
CA ALA A 158 43.09 -10.95 -3.27
C ALA A 158 44.50 -11.40 -3.62
N ASN A 159 45.45 -11.06 -2.77
CA ASN A 159 46.84 -11.48 -2.90
C ASN A 159 47.22 -12.25 -1.66
N SER A 160 47.81 -13.44 -1.84
CA SER A 160 48.12 -14.30 -0.70
C SER A 160 49.14 -13.64 0.22
N ARG A 161 49.93 -12.71 -0.32
CA ARG A 161 50.90 -12.00 0.50
C ARG A 161 50.22 -11.19 1.59
N ASN A 162 49.08 -10.59 1.29
CA ASN A 162 48.33 -9.81 2.27
C ASN A 162 47.28 -10.64 3.01
N TYR A 163 46.95 -11.83 2.52
CA TYR A 163 46.01 -12.70 3.21
C TYR A 163 46.65 -13.22 4.49
N LYS A 164 45.80 -13.75 5.39
CA LYS A 164 46.31 -14.21 6.68
C LYS A 164 47.27 -15.37 6.53
N SER A 165 47.03 -16.27 5.58
CA SER A 165 47.98 -17.32 5.26
C SER A 165 47.69 -17.85 3.86
N GLU A 166 48.66 -18.60 3.33
CA GLU A 166 48.57 -19.06 1.95
C GLU A 166 47.53 -20.16 1.79
N GLU A 167 47.53 -21.14 2.70
CA GLU A 167 46.67 -22.31 2.52
C GLU A 167 45.20 -21.94 2.61
N GLU A 168 44.82 -21.08 3.55
CA GLU A 168 43.42 -20.66 3.60
C GLU A 168 43.07 -19.76 2.44
N PHE A 169 44.04 -18.99 1.93
CA PHE A 169 43.81 -18.23 0.71
C PHE A 169 43.44 -19.16 -0.45
N ILE A 170 44.21 -20.23 -0.62
CA ILE A 170 43.93 -21.19 -1.68
C ILE A 170 42.58 -21.85 -1.46
N HIS A 171 42.29 -22.23 -0.23
CA HIS A 171 41.02 -22.89 0.08
C HIS A 171 39.83 -21.99 -0.25
N ILE A 172 39.86 -20.74 0.22
CA ILE A 172 38.73 -19.85 0.02
C ILE A 172 38.59 -19.48 -1.46
N ASN A 173 39.72 -19.30 -2.17
CA ASN A 173 39.62 -18.95 -3.57
C ASN A 173 39.22 -20.15 -4.44
N ASN A 174 39.41 -21.37 -3.94
CA ASN A 174 38.86 -22.53 -4.61
C ASN A 174 37.37 -22.66 -4.35
N LYS A 175 36.92 -22.29 -3.15
CA LYS A 175 35.50 -22.38 -2.84
C LYS A 175 34.67 -21.39 -3.65
N LEU A 176 35.19 -20.18 -3.85
CA LEU A 176 34.38 -19.09 -4.39
C LEU A 176 34.10 -19.28 -5.88
N ARG A 177 32.88 -18.94 -6.28
CA ARG A 177 32.46 -18.91 -7.67
C ARG A 177 31.72 -17.61 -7.94
N ARG A 178 31.48 -17.34 -9.22
CA ARG A 178 30.77 -16.12 -9.59
C ARG A 178 29.31 -16.21 -9.14
N GLY A 179 28.77 -15.08 -8.71
CA GLY A 179 27.41 -15.01 -8.21
C GLY A 179 27.25 -15.29 -6.74
N ASP A 180 28.31 -15.68 -6.05
CA ASP A 180 28.22 -15.99 -4.63
C ASP A 180 28.21 -14.71 -3.80
N ILE A 181 27.33 -14.67 -2.81
CA ILE A 181 27.32 -13.58 -1.84
C ILE A 181 28.42 -13.83 -0.83
N ILE A 182 29.37 -12.89 -0.73
CA ILE A 182 30.53 -13.05 0.13
C ILE A 182 30.67 -11.82 1.01
N GLY A 183 31.39 -11.99 2.11
CA GLY A 183 31.75 -10.92 3.00
C GLY A 183 33.24 -10.77 3.12
N VAL A 184 33.75 -9.57 2.89
CA VAL A 184 35.18 -9.31 2.77
C VAL A 184 35.60 -8.38 3.89
N GLN A 185 36.62 -8.78 4.64
CA GLN A 185 37.25 -7.94 5.65
C GLN A 185 38.65 -7.59 5.18
N GLY A 186 38.94 -6.30 5.09
CA GLY A 186 40.24 -5.90 4.57
C GLY A 186 40.44 -4.41 4.65
N ASN A 187 41.53 -3.98 4.03
CA ASN A 187 41.95 -2.59 4.03
C ASN A 187 41.67 -1.93 2.68
N PRO A 188 41.27 -0.67 2.67
CA PRO A 188 41.10 0.04 1.38
C PRO A 188 42.44 0.23 0.70
N GLY A 189 42.40 0.29 -0.62
CA GLY A 189 43.61 0.54 -1.39
C GLY A 189 43.27 0.86 -2.82
N LYS A 190 44.28 1.24 -3.59
CA LYS A 190 44.07 1.56 -5.02
C LYS A 190 45.16 0.86 -5.83
N THR A 191 44.78 0.17 -6.90
CA THR A 191 45.76 -0.60 -7.71
C THR A 191 46.64 0.37 -8.48
N LYS A 192 47.79 -0.11 -8.97
CA LYS A 192 48.74 0.75 -9.72
C LYS A 192 47.99 1.45 -10.87
N LYS A 193 47.04 0.74 -11.49
CA LYS A 193 46.25 1.34 -12.60
C LYS A 193 45.47 2.56 -12.09
N GLY A 194 44.94 2.48 -10.88
CA GLY A 194 44.12 3.58 -10.32
C GLY A 194 42.72 3.11 -10.04
N GLU A 195 42.56 1.83 -9.68
CA GLU A 195 41.25 1.27 -9.41
C GLU A 195 41.08 1.07 -7.92
N LEU A 196 40.02 1.65 -7.37
CA LEU A 196 39.73 1.47 -5.95
C LEU A 196 39.37 0.01 -5.67
N SER A 197 39.91 -0.53 -4.58
CA SER A 197 39.68 -1.92 -4.24
C SER A 197 39.86 -2.09 -2.75
N ILE A 198 39.44 -3.25 -2.24
CA ILE A 198 39.65 -3.63 -0.85
C ILE A 198 40.54 -4.86 -0.85
N ILE A 199 41.71 -4.74 -0.24
CA ILE A 199 42.64 -5.85 -0.11
C ILE A 199 42.18 -6.67 1.10
N PRO A 200 41.76 -7.92 0.91
CA PRO A 200 41.13 -8.68 1.99
C PRO A 200 42.13 -9.38 2.89
N TYR A 201 41.85 -9.33 4.18
CA TYR A 201 42.53 -10.15 5.17
C TYR A 201 41.81 -11.46 5.43
N GLU A 202 40.52 -11.52 5.12
CA GLU A 202 39.73 -12.75 5.35
C GLU A 202 38.42 -12.67 4.56
N ILE A 203 38.14 -13.64 3.72
CA ILE A 203 36.92 -13.70 2.92
C ILE A 203 36.09 -14.87 3.41
N THR A 204 34.81 -14.62 3.70
CA THR A 204 33.88 -15.64 4.15
C THR A 204 32.75 -15.77 3.15
N LEU A 205 32.43 -17.00 2.77
CA LEU A 205 31.32 -17.26 1.87
C LEU A 205 30.01 -17.17 2.66
N LEU A 206 29.14 -16.24 2.27
CA LEU A 206 27.89 -16.05 2.99
C LEU A 206 26.73 -16.82 2.36
N SER A 207 26.65 -16.84 1.04
CA SER A 207 25.58 -17.58 0.37
C SER A 207 26.01 -17.98 -1.03
N PRO A 208 26.30 -19.26 -1.27
CA PRO A 208 26.73 -19.67 -2.61
C PRO A 208 25.60 -19.61 -3.62
N CYS A 209 25.96 -19.42 -4.88
CA CYS A 209 25.04 -19.42 -6.00
C CYS A 209 25.17 -20.73 -6.76
N LEU A 210 24.06 -21.42 -6.96
CA LEU A 210 24.06 -22.75 -7.56
C LEU A 210 23.67 -22.74 -9.04
N HIS A 211 23.62 -21.57 -9.68
CA HIS A 211 23.24 -21.48 -11.08
C HIS A 211 24.26 -20.64 -11.83
N MET A 212 24.35 -20.87 -13.14
CA MET A 212 25.20 -20.05 -13.99
C MET A 212 24.68 -18.61 -13.99
N LEU A 213 25.58 -17.66 -13.77
CA LEU A 213 25.23 -16.25 -13.76
C LEU A 213 25.64 -15.61 -15.07
N PRO A 214 24.71 -15.05 -15.84
CA PRO A 214 25.07 -14.48 -17.14
C PRO A 214 26.04 -13.32 -16.99
N HIS A 215 26.86 -13.16 -18.04
CA HIS A 215 27.87 -12.07 -18.06
C HIS A 215 27.17 -10.75 -18.30
N LEU A 216 27.62 -9.68 -17.65
CA LEU A 216 26.98 -8.39 -17.77
C LEU A 216 27.13 -7.77 -19.15
N HIS A 217 27.99 -8.30 -20.00
CA HIS A 217 28.20 -7.66 -21.30
C HIS A 217 27.02 -8.01 -22.21
N PHE A 218 26.37 -9.15 -21.95
CA PHE A 218 25.19 -9.57 -22.76
C PHE A 218 23.97 -9.33 -21.93
N GLY A 219 24.00 -9.67 -20.63
CA GLY A 219 22.91 -9.38 -19.74
C GLY A 219 21.66 -10.19 -20.04
N LEU A 220 20.56 -9.73 -19.47
CA LEU A 220 19.25 -10.33 -19.65
C LEU A 220 18.41 -9.41 -20.53
N LYS A 221 17.96 -9.92 -21.67
CA LYS A 221 17.20 -9.12 -22.62
C LYS A 221 15.90 -9.77 -23.06
N ASP A 222 15.60 -10.98 -22.61
CA ASP A 222 14.36 -11.65 -22.95
C ASP A 222 13.26 -11.14 -22.03
N LYS A 223 12.19 -10.60 -22.60
CA LYS A 223 11.13 -10.01 -21.78
C LYS A 223 10.46 -11.04 -20.89
N GLU A 224 10.18 -12.22 -21.44
CA GLU A 224 9.55 -13.27 -20.64
C GLU A 224 10.45 -13.71 -19.50
N THR A 225 11.74 -13.90 -19.77
CA THR A 225 12.68 -14.27 -18.71
C THR A 225 12.81 -13.18 -17.67
N ARG A 226 12.83 -11.91 -18.12
CA ARG A 226 12.96 -10.80 -17.18
C ARG A 226 11.74 -10.70 -16.28
N TYR A 227 10.54 -10.94 -16.83
CA TYR A 227 9.32 -10.84 -16.03
C TYR A 227 9.13 -12.05 -15.13
N ARG A 228 9.56 -13.23 -15.57
CA ARG A 228 9.37 -14.43 -14.76
C ARG A 228 10.34 -14.46 -13.59
N GLN A 229 11.57 -14.03 -13.80
CA GLN A 229 12.60 -14.00 -12.76
C GLN A 229 13.02 -12.54 -12.58
N ARG A 230 12.29 -11.82 -11.71
CA ARG A 230 12.60 -10.41 -11.51
C ARG A 230 13.88 -10.22 -10.71
N TYR A 231 14.23 -11.18 -9.84
CA TYR A 231 15.46 -11.08 -9.09
C TYR A 231 16.67 -11.11 -10.02
N LEU A 232 16.65 -11.99 -11.03
CA LEU A 232 17.72 -12.01 -12.01
C LEU A 232 17.76 -10.71 -12.81
N ASP A 233 16.59 -10.15 -13.11
CA ASP A 233 16.54 -8.87 -13.80
C ASP A 233 17.20 -7.76 -12.98
N LEU A 234 16.94 -7.73 -11.67
CA LEU A 234 17.58 -6.75 -10.82
C LEU A 234 19.08 -7.00 -10.70
N ILE A 235 19.49 -8.26 -10.66
CA ILE A 235 20.90 -8.59 -10.54
C ILE A 235 21.67 -8.14 -11.77
N LEU A 236 21.13 -8.41 -12.96
CA LEU A 236 21.86 -8.18 -14.20
C LEU A 236 21.64 -6.81 -14.80
N ASN A 237 20.51 -6.17 -14.54
CA ASN A 237 20.18 -4.87 -15.11
C ASN A 237 20.10 -3.82 -14.01
N ASP A 238 20.70 -2.67 -14.27
CA ASP A 238 20.76 -1.60 -13.26
C ASP A 238 19.61 -0.61 -13.39
N PHE A 239 19.03 -0.46 -14.58
CA PHE A 239 17.96 0.52 -14.74
C PHE A 239 16.66 0.09 -14.08
N VAL A 240 16.47 -1.21 -13.85
CA VAL A 240 15.25 -1.69 -13.19
C VAL A 240 15.18 -1.17 -11.75
N ARG A 241 16.29 -1.25 -11.03
CA ARG A 241 16.34 -0.73 -9.67
C ARG A 241 16.04 0.75 -9.63
N GLN A 242 16.58 1.52 -10.57
CA GLN A 242 16.28 2.95 -10.68
C GLN A 242 14.82 3.20 -10.99
N LYS A 243 14.21 2.37 -11.84
CA LYS A 243 12.79 2.52 -12.13
C LYS A 243 11.95 2.35 -10.87
N PHE A 244 12.26 1.33 -10.08
CA PHE A 244 11.46 1.10 -8.88
C PHE A 244 11.73 2.14 -7.80
N ILE A 245 12.97 2.64 -7.72
CA ILE A 245 13.26 3.76 -6.83
C ILE A 245 12.45 4.98 -7.24
N ILE A 246 12.35 5.23 -8.55
CA ILE A 246 11.57 6.36 -9.04
C ILE A 246 10.11 6.21 -8.68
N ARG A 247 9.56 5.01 -8.83
CA ARG A 247 8.17 4.78 -8.47
C ARG A 247 7.93 5.03 -6.98
N SER A 248 8.83 4.54 -6.13
CA SER A 248 8.71 4.79 -4.70
C SER A 248 8.79 6.28 -4.40
N LYS A 249 9.68 7.00 -5.09
CA LYS A 249 9.79 8.45 -4.90
C LYS A 249 8.51 9.15 -5.31
N ILE A 250 7.89 8.70 -6.41
CA ILE A 250 6.61 9.27 -6.84
C ILE A 250 5.57 9.14 -5.74
N ILE A 251 5.43 7.93 -5.20
CA ILE A 251 4.40 7.70 -4.19
C ILE A 251 4.69 8.52 -2.93
N THR A 252 5.95 8.60 -2.52
CA THR A 252 6.30 9.41 -1.33
C THR A 252 5.92 10.86 -1.54
N TYR A 253 6.26 11.44 -2.70
CA TYR A 253 6.01 12.88 -2.95
C TYR A 253 4.53 13.18 -2.80
N ILE A 254 3.67 12.38 -3.44
CA ILE A 254 2.21 12.66 -3.41
C ILE A 254 1.77 12.68 -1.95
N ARG A 255 2.14 11.65 -1.18
CA ARG A 255 1.72 11.58 0.24
C ARG A 255 2.16 12.87 0.93
N SER A 256 3.44 13.23 0.83
CA SER A 256 3.94 14.43 1.52
C SER A 256 3.09 15.66 1.15
N PHE A 257 2.91 15.91 -0.15
CA PHE A 257 2.15 17.10 -0.61
C PHE A 257 0.76 17.11 0.01
N LEU A 258 0.05 16.01 -0.14
CA LEU A 258 -1.35 15.98 0.37
C LEU A 258 -1.36 16.22 1.88
N ASP A 259 -0.45 15.59 2.63
CA ASP A 259 -0.39 15.71 4.10
C ASP A 259 -0.14 17.16 4.50
N GLU A 260 0.78 17.84 3.80
CA GLU A 260 1.07 19.27 4.08
C GLU A 260 -0.20 20.08 3.82
N LEU A 261 -0.92 19.77 2.73
CA LEU A 261 -2.21 20.46 2.46
C LEU A 261 -3.16 20.23 3.64
N GLY A 262 -3.00 19.09 4.34
CA GLY A 262 -3.89 18.76 5.48
C GLY A 262 -4.80 17.59 5.15
N PHE A 263 -4.39 16.72 4.22
CA PHE A 263 -5.20 15.54 3.83
C PHE A 263 -4.92 14.39 4.81
N LEU A 264 -5.98 13.67 5.21
CA LEU A 264 -5.83 12.52 6.14
C LEU A 264 -5.80 11.22 5.32
N GLU A 265 -4.90 10.29 5.67
CA GLU A 265 -4.83 9.03 4.94
C GLU A 265 -5.81 8.03 5.55
N ILE A 266 -6.52 7.31 4.69
CA ILE A 266 -7.58 6.40 5.12
C ILE A 266 -7.38 5.05 4.46
N GLU A 267 -8.01 4.04 5.05
CA GLU A 267 -8.01 2.67 4.52
C GLU A 267 -9.45 2.20 4.41
N THR A 268 -9.96 2.14 3.19
CA THR A 268 -11.31 1.68 2.91
C THR A 268 -11.32 0.19 2.60
N PRO A 269 -12.47 -0.47 2.75
CA PRO A 269 -12.52 -1.92 2.51
C PRO A 269 -12.12 -2.29 1.10
N MET A 270 -11.47 -3.43 0.96
CA MET A 270 -11.06 -3.96 -0.33
C MET A 270 -12.04 -4.97 -0.91
N MET A 271 -12.93 -5.54 -0.09
CA MET A 271 -14.00 -6.38 -0.60
C MET A 271 -15.33 -5.84 -0.08
N ASN A 272 -16.39 -6.09 -0.83
CA ASN A 272 -17.74 -5.69 -0.43
C ASN A 272 -18.69 -6.83 -0.74
N ILE A 273 -19.80 -6.86 0.00
CA ILE A 273 -20.85 -7.84 -0.23
C ILE A 273 -21.80 -7.40 -1.34
N ILE A 274 -21.61 -6.22 -1.90
CA ILE A 274 -22.47 -5.67 -2.95
C ILE A 274 -21.65 -5.61 -4.23
N PRO A 275 -22.12 -6.19 -5.34
CA PRO A 275 -21.38 -6.06 -6.59
C PRO A 275 -21.21 -4.62 -7.05
N GLY A 276 -22.19 -3.77 -6.78
CA GLY A 276 -22.17 -2.40 -7.27
C GLY A 276 -22.71 -2.29 -8.67
N GLY A 277 -22.86 -1.04 -9.11
CA GLY A 277 -23.38 -0.74 -10.43
C GLY A 277 -22.35 -0.41 -11.49
N ALA A 278 -21.06 -0.55 -11.19
CA ALA A 278 -20.03 -0.22 -12.16
C ALA A 278 -20.05 -1.20 -13.32
N VAL A 279 -19.68 -0.70 -14.50
CA VAL A 279 -19.61 -1.55 -15.68
C VAL A 279 -18.44 -2.50 -15.61
N ALA A 280 -17.34 -2.10 -14.97
CA ALA A 280 -16.15 -2.92 -14.90
C ALA A 280 -16.44 -4.24 -14.20
N LYS A 281 -15.98 -5.33 -14.79
CA LYS A 281 -16.21 -6.65 -14.22
C LYS A 281 -15.38 -6.82 -12.95
N PRO A 282 -15.97 -7.31 -11.87
CA PRO A 282 -15.23 -7.43 -10.61
C PRO A 282 -14.55 -8.79 -10.47
N PHE A 283 -13.75 -8.91 -9.42
CA PHE A 283 -13.13 -10.16 -9.03
C PHE A 283 -13.98 -10.80 -7.94
N ILE A 284 -14.71 -11.85 -8.29
CA ILE A 284 -15.59 -12.51 -7.33
C ILE A 284 -14.75 -13.36 -6.38
N THR A 285 -15.29 -13.57 -5.18
CA THR A 285 -14.60 -14.34 -4.15
C THR A 285 -15.68 -14.96 -3.28
N TYR A 286 -15.33 -16.04 -2.58
CA TYR A 286 -16.28 -16.72 -1.71
C TYR A 286 -15.79 -16.68 -0.27
N HIS A 287 -16.71 -16.41 0.65
CA HIS A 287 -16.44 -16.44 2.09
C HIS A 287 -17.25 -17.59 2.69
N ASN A 288 -16.52 -18.58 3.20
CA ASN A 288 -17.14 -19.82 3.67
C ASN A 288 -17.90 -19.56 4.97
N GLU A 289 -17.38 -18.72 5.83
CA GLU A 289 -18.05 -18.52 7.13
C GLU A 289 -19.36 -17.77 6.92
N LEU A 290 -19.33 -16.70 6.13
CA LEU A 290 -20.56 -15.93 5.82
C LEU A 290 -21.38 -16.72 4.78
N ASP A 291 -20.79 -17.78 4.23
CA ASP A 291 -21.51 -18.63 3.24
C ASP A 291 -22.03 -17.72 2.10
N MET A 292 -21.16 -16.87 1.56
CA MET A 292 -21.61 -15.90 0.51
C MET A 292 -20.42 -15.49 -0.38
N ASN A 293 -20.68 -14.64 -1.38
CA ASN A 293 -19.60 -14.16 -2.29
C ASN A 293 -19.20 -12.73 -1.91
N LEU A 294 -17.93 -12.37 -2.09
CA LEU A 294 -17.46 -11.01 -1.74
C LEU A 294 -16.88 -10.47 -3.05
N TYR A 295 -17.05 -9.20 -3.33
CA TYR A 295 -16.67 -8.59 -4.60
C TYR A 295 -15.53 -7.63 -4.36
N MET A 296 -14.50 -7.72 -5.19
CA MET A 296 -13.32 -6.91 -5.01
C MET A 296 -13.58 -5.44 -5.35
N ARG A 297 -12.78 -4.57 -4.73
CA ARG A 297 -12.98 -3.14 -4.85
C ARG A 297 -12.59 -2.65 -6.24
N ILE A 298 -13.47 -1.88 -6.86
CA ILE A 298 -13.19 -1.23 -8.13
C ILE A 298 -12.72 0.19 -7.94
N ALA A 299 -13.37 0.93 -7.04
CA ALA A 299 -12.99 2.30 -6.72
C ALA A 299 -13.48 2.62 -5.31
N PRO A 300 -12.69 3.35 -4.52
CA PRO A 300 -13.11 3.66 -3.15
C PRO A 300 -13.95 4.92 -3.02
N GLU A 301 -14.53 5.38 -4.14
CA GLU A 301 -15.21 6.67 -4.16
C GLU A 301 -16.31 6.75 -3.12
N LEU A 302 -17.15 5.72 -3.04
CA LEU A 302 -18.32 5.78 -2.17
C LEU A 302 -17.92 5.91 -0.71
N TYR A 303 -16.93 5.14 -0.28
CA TYR A 303 -16.49 5.22 1.11
C TYR A 303 -15.85 6.56 1.43
N HIS A 304 -15.08 7.11 0.49
CA HIS A 304 -14.49 8.43 0.70
C HIS A 304 -15.58 9.49 0.84
N LYS A 305 -16.60 9.42 -0.01
CA LYS A 305 -17.70 10.39 0.10
C LYS A 305 -18.47 10.22 1.39
N MET A 306 -18.66 8.99 1.85
CA MET A 306 -19.30 8.77 3.14
C MET A 306 -18.48 9.36 4.27
N LEU A 307 -17.16 9.23 4.19
CA LEU A 307 -16.30 9.84 5.20
C LEU A 307 -16.39 11.35 5.18
N VAL A 308 -16.45 11.94 3.99
CA VAL A 308 -16.62 13.40 3.89
C VAL A 308 -17.96 13.81 4.48
N VAL A 309 -18.99 12.99 4.29
CA VAL A 309 -20.27 13.21 4.97
C VAL A 309 -20.06 13.17 6.48
N GLY A 310 -19.21 12.26 6.95
CA GLY A 310 -18.97 12.15 8.39
C GLY A 310 -18.41 13.41 9.01
N GLY A 311 -17.57 14.13 8.28
CA GLY A 311 -17.04 15.39 8.80
C GLY A 311 -15.55 15.55 8.61
N ILE A 312 -14.93 14.67 7.83
CA ILE A 312 -13.53 14.77 7.48
C ILE A 312 -13.44 15.45 6.12
N ASP A 313 -13.00 16.71 6.11
CA ASP A 313 -13.10 17.53 4.92
C ASP A 313 -12.19 17.06 3.80
N ARG A 314 -10.95 16.67 4.14
CA ARG A 314 -9.97 16.29 3.15
C ARG A 314 -9.44 14.90 3.49
N VAL A 315 -9.63 13.96 2.57
CA VAL A 315 -9.16 12.59 2.74
C VAL A 315 -8.44 12.15 1.48
N TYR A 316 -7.58 11.15 1.63
CA TYR A 316 -6.88 10.59 0.49
C TYR A 316 -6.48 9.15 0.80
N GLU A 317 -6.21 8.40 -0.26
CA GLU A 317 -5.85 6.99 -0.14
C GLU A 317 -5.12 6.56 -1.41
N ILE A 318 -3.95 5.96 -1.24
CA ILE A 318 -3.23 5.32 -2.32
C ILE A 318 -3.34 3.82 -2.14
N GLY A 319 -3.90 3.14 -3.12
CA GLY A 319 -4.15 1.72 -2.95
C GLY A 319 -4.48 1.04 -4.26
N ARG A 320 -4.74 -0.26 -4.16
CA ARG A 320 -4.97 -1.11 -5.33
C ARG A 320 -6.45 -1.14 -5.70
N GLN A 321 -6.69 -1.14 -7.00
CA GLN A 321 -8.00 -1.35 -7.58
C GLN A 321 -7.93 -2.56 -8.48
N PHE A 322 -8.99 -3.37 -8.46
CA PHE A 322 -9.05 -4.64 -9.16
C PHE A 322 -10.21 -4.62 -10.16
N ARG A 323 -9.85 -4.65 -11.45
CA ARG A 323 -10.88 -4.68 -12.53
C ARG A 323 -10.60 -5.91 -13.41
N ASN A 324 -11.57 -6.80 -13.53
CA ASN A 324 -11.40 -8.06 -14.28
C ASN A 324 -11.58 -7.79 -15.77
N GLU A 325 -10.63 -7.03 -16.33
CA GLU A 325 -10.71 -6.65 -17.74
C GLU A 325 -9.42 -7.01 -18.47
N GLY A 326 -9.29 -6.52 -19.71
CA GLY A 326 -8.16 -6.89 -20.54
C GLY A 326 -6.85 -6.31 -20.08
N ILE A 327 -5.77 -6.84 -20.66
CA ILE A 327 -4.41 -6.42 -20.35
C ILE A 327 -3.75 -5.94 -21.64
N ASP A 328 -3.19 -4.74 -21.61
CA ASP A 328 -2.39 -4.22 -22.71
C ASP A 328 -1.28 -3.35 -22.12
N LEU A 329 -0.64 -2.56 -22.99
CA LEU A 329 0.54 -1.81 -22.58
C LEU A 329 0.23 -0.81 -21.47
N THR A 330 -1.01 -0.33 -21.39
CA THR A 330 -1.33 0.73 -20.40
C THR A 330 -2.48 0.31 -19.48
N HIS A 331 -2.86 -0.97 -19.49
CA HIS A 331 -3.90 -1.46 -18.59
C HIS A 331 -3.42 -2.71 -17.86
N ASN A 332 -3.75 -2.79 -16.58
CA ASN A 332 -3.50 -3.95 -15.76
C ASN A 332 -4.74 -4.25 -14.93
N PRO A 333 -5.10 -5.52 -14.75
CA PRO A 333 -6.29 -5.83 -13.94
C PRO A 333 -6.21 -5.32 -12.52
N GLU A 334 -5.06 -5.37 -11.90
CA GLU A 334 -4.87 -4.78 -10.54
C GLU A 334 -3.87 -3.63 -10.71
N PHE A 335 -4.14 -2.48 -10.13
CA PHE A 335 -3.31 -1.29 -10.35
C PHE A 335 -3.42 -0.34 -9.18
N THR A 336 -2.35 0.40 -8.94
CA THR A 336 -2.30 1.36 -7.84
C THR A 336 -2.78 2.73 -8.31
N THR A 337 -3.70 3.33 -7.55
CA THR A 337 -4.15 4.68 -7.81
C THR A 337 -4.18 5.47 -6.51
N CYS A 338 -4.06 6.78 -6.64
CA CYS A 338 -4.20 7.70 -5.52
C CYS A 338 -5.47 8.52 -5.73
N GLU A 339 -6.40 8.44 -4.77
CA GLU A 339 -7.66 9.16 -4.86
C GLU A 339 -7.84 10.01 -3.62
N PHE A 340 -8.17 11.28 -3.81
CA PHE A 340 -8.46 12.16 -2.70
C PHE A 340 -9.79 12.88 -2.92
N TYR A 341 -10.35 13.34 -1.82
CA TYR A 341 -11.59 14.11 -1.81
C TYR A 341 -11.39 15.34 -0.93
N MET A 342 -11.84 16.49 -1.42
CA MET A 342 -11.64 17.77 -0.77
C MET A 342 -12.97 18.49 -0.68
N ALA A 343 -13.42 18.76 0.54
CA ALA A 343 -14.68 19.45 0.73
C ALA A 343 -14.53 20.94 0.45
N TYR A 344 -15.66 21.56 0.10
CA TYR A 344 -15.72 23.00 -0.21
C TYR A 344 -14.76 23.36 -1.34
N ALA A 345 -14.69 22.50 -2.35
CA ALA A 345 -13.87 22.72 -3.53
C ALA A 345 -14.64 22.29 -4.76
N ASP A 346 -14.26 22.85 -5.89
CA ASP A 346 -14.77 22.43 -7.20
C ASP A 346 -13.59 22.00 -8.07
N TYR A 347 -13.89 21.55 -9.27
CA TYR A 347 -12.84 21.07 -10.16
C TYR A 347 -11.90 22.17 -10.63
N HIS A 348 -12.30 23.43 -10.51
CA HIS A 348 -11.40 24.53 -10.84
C HIS A 348 -10.21 24.60 -9.89
N ASP A 349 -10.45 24.41 -8.58
CA ASP A 349 -9.36 24.34 -7.61
C ASP A 349 -8.51 23.10 -7.80
N LEU A 350 -9.13 21.97 -8.12
CA LEU A 350 -8.40 20.75 -8.43
C LEU A 350 -7.54 20.90 -9.68
N MET A 351 -7.95 21.72 -10.64
CA MET A 351 -7.17 21.96 -11.84
C MET A 351 -5.88 22.73 -11.55
N GLU A 352 -5.80 23.44 -10.43
CA GLU A 352 -4.57 24.06 -9.97
C GLU A 352 -3.77 23.15 -9.04
N ILE A 353 -4.45 22.42 -8.16
CA ILE A 353 -3.77 21.48 -7.29
C ILE A 353 -3.06 20.41 -8.10
N THR A 354 -3.71 19.90 -9.15
CA THR A 354 -3.10 18.90 -10.00
C THR A 354 -1.89 19.46 -10.75
N GLU A 355 -2.01 20.70 -11.24
CA GLU A 355 -0.87 21.35 -11.88
C GLU A 355 0.32 21.41 -10.94
N LYS A 356 0.09 21.88 -9.71
CA LYS A 356 1.17 21.97 -8.74
C LYS A 356 1.75 20.61 -8.43
N MET A 357 0.88 19.61 -8.21
CA MET A 357 1.35 18.26 -7.91
C MET A 357 2.26 17.74 -9.01
N VAL A 358 1.79 17.77 -10.26
CA VAL A 358 2.51 17.12 -11.35
C VAL A 358 3.80 17.87 -11.64
N SER A 359 3.74 19.20 -11.73
CA SER A 359 4.94 19.98 -12.02
C SER A 359 5.97 19.81 -10.92
N GLY A 360 5.56 19.90 -9.65
CA GLY A 360 6.50 19.73 -8.56
C GLY A 360 7.10 18.35 -8.51
N MET A 361 6.29 17.31 -8.76
CA MET A 361 6.81 15.95 -8.75
C MET A 361 7.83 15.74 -9.85
N VAL A 362 7.53 16.21 -11.06
CA VAL A 362 8.45 16.03 -12.18
C VAL A 362 9.75 16.79 -11.91
N LYS A 363 9.64 18.02 -11.41
CA LYS A 363 10.85 18.79 -11.12
C LYS A 363 11.66 18.14 -10.00
N HIS A 364 10.99 17.61 -8.98
CA HIS A 364 11.69 17.01 -7.86
C HIS A 364 12.41 15.73 -8.26
N ILE A 365 11.79 14.92 -9.10
CA ILE A 365 12.35 13.61 -9.43
C ILE A 365 13.32 13.68 -10.60
N THR A 366 12.90 14.24 -11.73
CA THR A 366 13.75 14.29 -12.91
C THR A 366 14.74 15.45 -12.88
N GLY A 367 14.56 16.41 -11.98
CA GLY A 367 15.45 17.54 -11.87
C GLY A 367 15.15 18.69 -12.80
N SER A 368 14.20 18.54 -13.71
CA SER A 368 13.83 19.60 -14.64
C SER A 368 12.34 19.47 -14.95
N TYR A 369 11.86 20.30 -15.87
CA TYR A 369 10.46 20.27 -16.27
C TYR A 369 10.22 19.51 -17.57
N LYS A 370 11.25 19.29 -18.36
CA LYS A 370 11.13 18.62 -19.66
C LYS A 370 11.67 17.21 -19.56
N VAL A 371 10.89 16.24 -20.04
CA VAL A 371 11.30 14.85 -20.08
C VAL A 371 11.24 14.37 -21.52
N THR A 372 11.93 13.26 -21.78
CA THR A 372 11.93 12.61 -23.08
C THR A 372 11.25 11.26 -22.94
N TYR A 373 10.26 11.00 -23.78
CA TYR A 373 9.50 9.76 -23.74
C TYR A 373 9.63 9.06 -25.08
N HIS A 374 9.91 7.75 -25.03
CA HIS A 374 9.97 6.93 -26.24
C HIS A 374 8.75 6.01 -26.26
N PRO A 375 7.65 6.41 -26.90
CA PRO A 375 6.47 5.53 -26.91
C PRO A 375 6.68 4.22 -27.64
N ASP A 376 7.53 4.19 -28.66
CA ASP A 376 7.74 2.98 -29.46
C ASP A 376 8.97 2.19 -29.04
N GLY A 377 9.79 2.72 -28.13
CA GLY A 377 11.00 2.04 -27.74
C GLY A 377 12.21 2.91 -27.94
N PRO A 378 13.39 2.44 -27.51
CA PRO A 378 14.61 3.25 -27.61
C PRO A 378 15.02 3.56 -29.04
N GLU A 379 14.49 2.86 -30.03
CA GLU A 379 14.83 3.08 -31.43
C GLU A 379 13.77 3.88 -32.17
N GLY A 380 12.63 4.17 -31.55
CA GLY A 380 11.56 4.90 -32.19
C GLY A 380 11.67 6.41 -31.99
N GLN A 381 10.63 7.10 -32.42
CA GLN A 381 10.58 8.55 -32.28
C GLN A 381 10.49 8.94 -30.81
N ALA A 382 11.24 9.97 -30.43
CA ALA A 382 11.25 10.48 -29.06
C ALA A 382 10.47 11.79 -28.98
N TYR A 383 9.65 11.92 -27.95
CA TYR A 383 8.83 13.10 -27.73
C TYR A 383 9.34 13.88 -26.53
N ASP A 384 9.32 15.20 -26.64
CA ASP A 384 9.72 16.09 -25.55
C ASP A 384 8.46 16.58 -24.85
N VAL A 385 8.27 16.16 -23.61
CA VAL A 385 7.10 16.51 -22.82
C VAL A 385 7.51 17.60 -21.83
N ASP A 386 6.90 18.78 -21.94
CA ASP A 386 7.18 19.90 -21.07
C ASP A 386 6.15 19.95 -19.96
N PHE A 387 6.62 20.05 -18.72
CA PHE A 387 5.76 20.06 -17.55
C PHE A 387 5.81 21.39 -16.81
N THR A 388 5.80 22.49 -17.56
CA THR A 388 5.77 23.81 -16.95
C THR A 388 4.47 23.97 -16.16
N PRO A 389 4.47 24.80 -15.12
CA PRO A 389 3.31 24.89 -14.22
C PRO A 389 1.99 25.08 -14.95
N PRO A 390 1.84 26.11 -15.83
CA PRO A 390 0.53 26.33 -16.43
C PRO A 390 0.27 25.37 -17.58
N PHE A 391 -0.60 24.39 -17.33
CA PHE A 391 -0.94 23.41 -18.35
C PHE A 391 -1.94 24.00 -19.34
N ARG A 392 -2.08 23.33 -20.48
CA ARG A 392 -3.05 23.72 -21.48
C ARG A 392 -4.43 23.20 -21.10
N ARG A 393 -5.45 24.03 -21.29
CA ARG A 393 -6.84 23.67 -21.00
C ARG A 393 -7.67 23.83 -22.26
N ILE A 394 -8.42 22.80 -22.61
CA ILE A 394 -9.29 22.81 -23.78
C ILE A 394 -10.67 22.31 -23.38
N ASN A 395 -11.70 22.94 -23.93
CA ASN A 395 -13.07 22.46 -23.77
C ASN A 395 -13.36 21.44 -24.86
N MET A 396 -14.01 20.34 -24.46
CA MET A 396 -14.19 19.22 -25.39
C MET A 396 -15.03 19.62 -26.60
N VAL A 397 -16.17 20.27 -26.37
CA VAL A 397 -17.12 20.51 -27.46
C VAL A 397 -16.54 21.48 -28.47
N GLU A 398 -16.00 22.61 -27.98
CA GLU A 398 -15.48 23.63 -28.90
C GLU A 398 -14.27 23.12 -29.68
N GLU A 399 -13.33 22.46 -28.99
CA GLU A 399 -12.16 21.94 -29.67
C GLU A 399 -12.53 20.82 -30.64
N LEU A 400 -13.52 20.01 -30.29
CA LEU A 400 -13.98 18.98 -31.21
C LEU A 400 -14.62 19.59 -32.44
N GLU A 401 -15.38 20.68 -32.27
CA GLU A 401 -15.93 21.38 -33.42
C GLU A 401 -14.82 21.94 -34.30
N LYS A 402 -13.78 22.51 -33.67
CA LYS A 402 -12.67 23.07 -34.44
C LYS A 402 -11.94 21.97 -35.22
N ALA A 403 -11.70 20.84 -34.56
CA ALA A 403 -11.00 19.74 -35.25
C ALA A 403 -11.95 19.07 -36.23
N LEU A 404 -13.03 18.47 -35.75
CA LEU A 404 -13.92 17.72 -36.67
C LEU A 404 -14.17 18.60 -37.88
N GLY A 405 -14.28 19.91 -37.66
CA GLY A 405 -14.41 20.84 -38.81
C GLY A 405 -15.81 21.37 -38.95
N MET A 406 -16.80 20.72 -38.33
CA MET A 406 -18.20 21.14 -38.56
C MET A 406 -18.81 21.63 -37.23
N LYS A 407 -20.12 21.86 -37.23
CA LYS A 407 -20.80 22.34 -36.00
C LYS A 407 -21.65 21.23 -35.41
N LEU A 408 -21.19 20.62 -34.32
CA LEU A 408 -21.99 19.58 -33.64
C LEU A 408 -23.17 20.27 -32.98
N PRO A 409 -24.26 19.56 -32.62
CA PRO A 409 -25.43 20.21 -32.06
C PRO A 409 -25.16 20.99 -30.79
N GLU A 410 -26.14 21.78 -30.32
CA GLU A 410 -25.96 22.46 -29.06
C GLU A 410 -25.89 21.46 -27.90
N THR A 411 -25.30 21.90 -26.79
CA THR A 411 -24.99 21.01 -25.69
C THR A 411 -26.23 20.41 -25.03
N ASN A 412 -27.41 20.97 -25.26
CA ASN A 412 -28.63 20.42 -24.69
C ASN A 412 -29.28 19.37 -25.57
N LEU A 413 -28.87 19.26 -26.83
CA LEU A 413 -29.50 18.36 -27.79
C LEU A 413 -28.74 17.06 -28.00
N PHE A 414 -27.71 16.78 -27.20
CA PHE A 414 -26.96 15.54 -27.39
C PHE A 414 -27.82 14.31 -27.09
N GLU A 415 -28.82 14.45 -26.22
CA GLU A 415 -29.61 13.28 -25.84
C GLU A 415 -30.64 12.88 -26.89
N THR A 416 -30.75 13.67 -27.95
CA THR A 416 -31.73 13.38 -29.02
C THR A 416 -31.15 12.40 -29.99
N GLU A 417 -31.99 11.57 -30.61
CA GLU A 417 -31.50 10.53 -31.55
C GLU A 417 -30.90 11.21 -32.79
N GLU A 418 -31.34 12.45 -33.08
CA GLU A 418 -30.79 13.19 -34.24
C GLU A 418 -29.29 13.40 -34.02
N THR A 419 -28.89 13.81 -32.82
CA THR A 419 -27.45 14.00 -32.51
C THR A 419 -26.75 12.66 -32.69
N ARG A 420 -27.32 11.60 -32.13
CA ARG A 420 -26.72 10.24 -32.29
C ARG A 420 -26.56 9.95 -33.79
N LYS A 421 -27.59 10.27 -34.59
CA LYS A 421 -27.53 9.99 -36.06
C LYS A 421 -26.42 10.85 -36.70
N ILE A 422 -26.43 12.17 -36.46
CA ILE A 422 -25.42 13.05 -37.11
C ILE A 422 -24.03 12.63 -36.62
N LEU A 423 -23.92 12.20 -35.36
CA LEU A 423 -22.64 11.69 -34.87
C LEU A 423 -22.22 10.44 -35.62
N ASP A 424 -23.16 9.54 -35.90
CA ASP A 424 -22.84 8.34 -36.67
C ASP A 424 -22.41 8.70 -38.08
N ASP A 425 -23.10 9.67 -38.69
CA ASP A 425 -22.74 10.12 -40.03
C ASP A 425 -21.33 10.69 -40.03
N ILE A 426 -21.00 11.51 -39.02
CA ILE A 426 -19.67 12.09 -38.96
C ILE A 426 -18.61 11.01 -38.74
N CYS A 427 -18.89 10.05 -37.85
CA CYS A 427 -17.94 8.98 -37.60
C CYS A 427 -17.67 8.18 -38.87
N VAL A 428 -18.72 7.87 -39.63
CA VAL A 428 -18.55 7.13 -40.88
C VAL A 428 -17.77 7.97 -41.89
N ALA A 429 -18.11 9.26 -42.01
CA ALA A 429 -17.45 10.11 -42.99
C ALA A 429 -15.97 10.30 -42.66
N LYS A 430 -15.64 10.50 -41.39
CA LYS A 430 -14.26 10.74 -40.97
C LYS A 430 -13.45 9.46 -40.80
N ALA A 431 -13.94 8.34 -41.32
CA ALA A 431 -13.22 7.06 -41.29
C ALA A 431 -12.88 6.63 -39.86
N VAL A 432 -13.79 6.88 -38.93
CA VAL A 432 -13.64 6.45 -37.54
C VAL A 432 -14.52 5.24 -37.30
N GLU A 433 -13.97 4.22 -36.64
CA GLU A 433 -14.67 2.97 -36.40
C GLU A 433 -15.03 2.84 -34.94
N CYS A 434 -16.29 2.52 -34.68
CA CYS A 434 -16.78 2.31 -33.31
C CYS A 434 -17.57 1.01 -33.29
N PRO A 435 -17.17 0.02 -32.48
CA PRO A 435 -17.93 -1.22 -32.42
C PRO A 435 -19.28 -0.99 -31.79
N PRO A 436 -20.29 -1.81 -32.12
CA PRO A 436 -21.62 -1.62 -31.55
C PRO A 436 -21.62 -1.90 -30.06
N PRO A 437 -22.52 -1.26 -29.30
CA PRO A 437 -23.58 -0.33 -29.73
C PRO A 437 -23.05 1.04 -30.13
N ARG A 438 -23.69 1.68 -31.10
CA ARG A 438 -23.25 2.99 -31.57
C ARG A 438 -24.01 4.11 -30.86
N THR A 439 -23.89 4.10 -29.53
CA THR A 439 -24.54 5.11 -28.71
C THR A 439 -23.82 6.45 -28.87
N THR A 440 -24.49 7.52 -28.41
CA THR A 440 -23.90 8.85 -28.49
C THR A 440 -22.62 8.93 -27.67
N ALA A 441 -22.63 8.36 -26.46
CA ALA A 441 -21.46 8.43 -25.60
C ALA A 441 -20.26 7.73 -26.24
N ARG A 442 -20.47 6.55 -26.80
CA ARG A 442 -19.36 5.80 -27.39
C ARG A 442 -18.84 6.47 -28.66
N LEU A 443 -19.75 6.96 -29.50
CA LEU A 443 -19.32 7.67 -30.71
C LEU A 443 -18.55 8.94 -30.35
N LEU A 444 -19.03 9.69 -29.36
CA LEU A 444 -18.33 10.90 -28.95
C LEU A 444 -16.96 10.57 -28.36
N ASP A 445 -16.88 9.51 -27.56
CA ASP A 445 -15.58 9.10 -27.01
C ASP A 445 -14.62 8.69 -28.12
N LYS A 446 -15.12 7.97 -29.13
CA LYS A 446 -14.27 7.58 -30.25
C LYS A 446 -13.77 8.79 -31.01
N LEU A 447 -14.65 9.76 -31.27
CA LEU A 447 -14.23 10.98 -31.96
C LEU A 447 -13.20 11.76 -31.14
N VAL A 448 -13.42 11.85 -29.84
CA VAL A 448 -12.46 12.55 -28.97
C VAL A 448 -11.11 11.85 -29.01
N GLY A 449 -11.10 10.52 -28.91
CA GLY A 449 -9.85 9.80 -28.97
C GLY A 449 -9.14 9.95 -30.30
N GLU A 450 -9.91 9.99 -31.39
CA GLU A 450 -9.30 10.08 -32.71
C GLU A 450 -8.79 11.47 -33.04
N PHE A 451 -9.45 12.52 -32.56
CA PHE A 451 -9.12 13.88 -32.96
C PHE A 451 -8.50 14.71 -31.84
N LEU A 452 -9.12 14.74 -30.66
CA LEU A 452 -8.64 15.58 -29.58
C LEU A 452 -7.47 14.98 -28.82
N GLU A 453 -7.05 13.75 -29.14
CA GLU A 453 -6.14 13.02 -28.29
C GLU A 453 -4.79 12.78 -28.93
N VAL A 454 -4.69 12.86 -30.26
CA VAL A 454 -3.39 12.77 -30.92
C VAL A 454 -2.57 14.03 -30.76
N THR A 455 -3.15 15.09 -30.17
CA THR A 455 -2.46 16.34 -29.96
C THR A 455 -2.10 16.59 -28.51
N CYS A 456 -2.34 15.64 -27.62
CA CYS A 456 -2.06 15.81 -26.21
C CYS A 456 -0.70 15.22 -25.85
N ILE A 457 0.35 15.79 -26.43
CA ILE A 457 1.71 15.40 -26.08
C ILE A 457 2.09 15.99 -24.72
N ASN A 458 2.10 17.32 -24.63
CA ASN A 458 2.29 17.96 -23.35
C ASN A 458 1.05 17.73 -22.47
N PRO A 459 1.21 17.78 -21.16
CA PRO A 459 0.04 17.60 -20.28
C PRO A 459 -1.04 18.62 -20.60
N THR A 460 -2.27 18.13 -20.76
CA THR A 460 -3.38 18.96 -21.21
C THR A 460 -4.64 18.58 -20.44
N PHE A 461 -5.40 19.60 -20.04
CA PHE A 461 -6.69 19.38 -19.40
C PHE A 461 -7.79 19.41 -20.44
N ILE A 462 -8.63 18.37 -20.45
CA ILE A 462 -9.83 18.33 -21.26
C ILE A 462 -11.01 18.42 -20.29
N CYS A 463 -11.79 19.48 -20.42
CA CYS A 463 -12.80 19.82 -19.42
C CYS A 463 -14.18 19.89 -20.05
N ASP A 464 -15.20 19.94 -19.18
CA ASP A 464 -16.59 20.13 -19.56
C ASP A 464 -17.07 19.03 -20.52
N HIS A 465 -17.06 17.81 -20.02
CA HIS A 465 -17.59 16.69 -20.77
C HIS A 465 -19.12 16.82 -20.89
N PRO A 466 -19.71 16.23 -21.92
CA PRO A 466 -21.18 16.12 -21.94
C PRO A 466 -21.66 15.26 -20.78
N GLN A 467 -22.86 15.59 -20.29
CA GLN A 467 -23.40 14.89 -19.13
C GLN A 467 -23.60 13.41 -19.40
N ILE A 468 -23.87 13.03 -20.65
CA ILE A 468 -24.09 11.64 -20.98
C ILE A 468 -22.82 10.81 -20.80
N MET A 469 -21.68 11.37 -21.22
CA MET A 469 -20.40 10.63 -21.14
C MET A 469 -19.99 10.43 -19.69
N SER A 470 -20.66 11.07 -18.74
CA SER A 470 -20.18 10.99 -17.33
C SER A 470 -21.29 11.20 -16.31
N PRO A 471 -21.52 10.25 -15.39
CA PRO A 471 -22.47 10.47 -14.32
C PRO A 471 -21.63 10.85 -13.15
N LEU A 472 -22.23 10.89 -11.95
CA LEU A 472 -21.46 11.15 -10.69
C LEU A 472 -20.66 12.46 -10.76
N ALA A 473 -20.96 13.36 -11.70
CA ALA A 473 -20.29 14.67 -11.72
C ALA A 473 -21.36 15.74 -11.65
N LYS A 474 -21.11 16.82 -10.92
CA LYS A 474 -22.21 17.79 -10.78
C LYS A 474 -22.39 18.40 -12.14
N TRP A 475 -23.61 18.80 -12.44
CA TRP A 475 -23.87 19.44 -13.74
C TRP A 475 -23.09 20.73 -13.81
N HIS A 476 -22.84 21.20 -15.01
CA HIS A 476 -22.18 22.48 -15.19
C HIS A 476 -23.09 23.61 -14.72
N ARG A 477 -22.51 24.57 -14.01
CA ARG A 477 -23.30 25.65 -13.44
C ARG A 477 -23.69 26.70 -14.48
N SER A 478 -23.00 26.74 -15.62
CA SER A 478 -23.25 27.76 -16.63
C SER A 478 -23.80 27.16 -17.92
N LYS A 479 -23.09 26.19 -18.51
CA LYS A 479 -23.48 25.62 -19.79
C LYS A 479 -24.35 24.39 -19.55
N GLU A 480 -25.57 24.41 -20.08
CA GLU A 480 -26.47 23.29 -19.91
C GLU A 480 -26.00 22.10 -20.74
N GLY A 481 -26.30 20.90 -20.25
CA GLY A 481 -25.95 19.68 -20.95
C GLY A 481 -24.53 19.22 -20.77
N LEU A 482 -23.71 19.95 -20.01
CA LEU A 482 -22.33 19.57 -19.75
C LEU A 482 -22.15 19.33 -18.26
N THR A 483 -21.08 18.63 -17.93
CA THR A 483 -20.77 18.32 -16.54
C THR A 483 -19.56 19.12 -16.08
N GLU A 484 -19.08 18.83 -14.88
CA GLU A 484 -18.06 19.66 -14.23
C GLU A 484 -16.80 18.87 -13.94
N ARG A 485 -16.30 18.12 -14.91
CA ARG A 485 -15.14 17.28 -14.75
C ARG A 485 -14.02 17.73 -15.66
N PHE A 486 -12.83 17.18 -15.42
CA PHE A 486 -11.70 17.37 -16.31
C PHE A 486 -10.82 16.12 -16.25
N GLU A 487 -10.10 15.88 -17.34
CA GLU A 487 -9.15 14.78 -17.45
C GLU A 487 -7.80 15.33 -17.89
N LEU A 488 -6.74 14.90 -17.20
CA LEU A 488 -5.38 15.30 -17.54
C LEU A 488 -4.78 14.23 -18.44
N PHE A 489 -4.32 14.63 -19.62
CA PHE A 489 -3.75 13.72 -20.61
C PHE A 489 -2.30 14.11 -20.84
N VAL A 490 -1.40 13.14 -20.65
CA VAL A 490 0.01 13.30 -20.95
C VAL A 490 0.37 12.23 -21.96
N MET A 491 1.03 12.64 -23.04
CA MET A 491 1.50 11.74 -24.08
C MET A 491 0.36 10.84 -24.57
N LYS A 492 -0.78 11.48 -24.85
CA LYS A 492 -1.97 10.83 -25.40
C LYS A 492 -2.55 9.78 -24.46
N LYS A 493 -2.22 9.83 -23.17
CA LYS A 493 -2.75 8.87 -22.20
C LYS A 493 -3.28 9.60 -20.98
N GLU A 494 -4.43 9.16 -20.48
CA GLU A 494 -5.05 9.78 -19.32
C GLU A 494 -4.32 9.36 -18.05
N ILE A 495 -3.91 10.34 -17.24
CA ILE A 495 -3.27 10.04 -15.97
C ILE A 495 -4.09 10.52 -14.77
N CYS A 496 -4.86 11.60 -14.91
CA CYS A 496 -5.65 12.13 -13.82
C CYS A 496 -7.11 12.16 -14.24
N ASN A 497 -8.00 12.24 -13.24
CA ASN A 497 -9.46 12.29 -13.51
C ASN A 497 -10.13 12.93 -12.30
N ALA A 498 -10.79 14.08 -12.48
CA ALA A 498 -11.39 14.79 -11.32
C ALA A 498 -12.69 15.50 -11.73
N TYR A 499 -13.66 15.56 -10.82
CA TYR A 499 -14.95 16.26 -11.11
C TYR A 499 -15.61 16.69 -9.81
N THR A 500 -16.51 17.68 -9.88
CA THR A 500 -17.26 18.11 -8.69
C THR A 500 -18.23 17.00 -8.34
N GLU A 501 -18.20 16.53 -7.08
CA GLU A 501 -19.04 15.41 -6.69
C GLU A 501 -20.50 15.82 -6.63
N LEU A 502 -21.36 14.93 -7.13
CA LEU A 502 -22.80 15.17 -7.08
C LEU A 502 -23.33 14.86 -5.69
N ASN A 503 -23.80 15.90 -4.99
CA ASN A 503 -24.28 15.77 -3.63
C ASN A 503 -25.81 15.81 -3.54
N ASP A 504 -26.52 15.72 -4.66
CA ASP A 504 -27.97 15.72 -4.65
C ASP A 504 -28.46 14.27 -4.52
N PRO A 505 -29.09 13.90 -3.41
CA PRO A 505 -29.52 12.50 -3.26
C PRO A 505 -30.52 12.04 -4.30
N MET A 506 -31.43 12.90 -4.72
CA MET A 506 -32.47 12.48 -5.66
C MET A 506 -31.89 12.18 -7.03
N ARG A 507 -31.08 13.09 -7.57
CA ARG A 507 -30.49 12.85 -8.88
C ARG A 507 -29.50 11.68 -8.84
N GLN A 508 -28.73 11.56 -7.76
CA GLN A 508 -27.82 10.44 -7.64
C GLN A 508 -28.59 9.12 -7.60
N ARG A 509 -29.69 9.08 -6.87
CA ARG A 509 -30.52 7.87 -6.84
C ARG A 509 -31.10 7.57 -8.21
N GLN A 510 -31.52 8.60 -8.94
CA GLN A 510 -32.04 8.38 -10.29
C GLN A 510 -30.98 7.78 -11.21
N LEU A 511 -29.78 8.34 -11.18
CA LEU A 511 -28.71 7.80 -12.02
C LEU A 511 -28.32 6.39 -11.60
N PHE A 512 -28.28 6.13 -10.29
CA PHE A 512 -27.97 4.78 -9.81
C PHE A 512 -29.02 3.77 -10.27
N GLU A 513 -30.31 4.14 -10.20
CA GLU A 513 -31.36 3.26 -10.66
C GLU A 513 -31.32 3.04 -12.17
N GLU A 514 -30.98 4.08 -12.94
CA GLU A 514 -30.82 3.89 -14.38
C GLU A 514 -29.67 2.93 -14.68
N GLN A 515 -28.55 3.10 -13.98
CA GLN A 515 -27.41 2.20 -14.13
C GLN A 515 -27.80 0.77 -13.80
N ALA A 516 -28.52 0.59 -12.69
CA ALA A 516 -28.92 -0.74 -12.26
C ALA A 516 -29.90 -1.37 -13.25
N LYS A 517 -30.79 -0.56 -13.83
CA LYS A 517 -31.71 -1.04 -14.84
C LYS A 517 -30.96 -1.53 -16.07
N ALA A 518 -29.96 -0.76 -16.51
CA ALA A 518 -29.17 -1.18 -17.66
C ALA A 518 -28.37 -2.44 -17.36
N LYS A 519 -27.79 -2.52 -16.15
CA LYS A 519 -26.87 -3.60 -15.83
C LYS A 519 -27.61 -4.91 -15.57
N ALA A 520 -28.73 -4.85 -14.85
CA ALA A 520 -29.37 -6.06 -14.34
C ALA A 520 -29.86 -6.97 -15.44
N ALA A 521 -30.51 -6.42 -16.46
CA ALA A 521 -31.15 -7.19 -17.52
C ALA A 521 -32.05 -8.27 -16.94
N GLY A 522 -32.87 -7.86 -15.96
CA GLY A 522 -33.74 -8.82 -15.27
C GLY A 522 -33.29 -8.93 -13.82
N ASP A 523 -33.51 -10.07 -13.18
CA ASP A 523 -33.02 -10.28 -11.79
C ASP A 523 -33.60 -9.18 -10.89
N ASP A 524 -32.80 -8.70 -9.94
CA ASP A 524 -33.24 -7.58 -9.07
C ASP A 524 -32.09 -6.59 -8.91
N GLU A 525 -32.38 -5.30 -9.07
CA GLU A 525 -31.33 -4.26 -8.93
C GLU A 525 -30.90 -4.17 -7.47
N ALA A 526 -31.56 -4.91 -6.59
CA ALA A 526 -31.26 -4.80 -5.16
C ALA A 526 -29.76 -4.82 -4.94
N MET A 527 -29.06 -5.63 -5.73
CA MET A 527 -27.60 -5.78 -5.45
C MET A 527 -26.79 -4.92 -6.43
N PHE A 528 -27.44 -4.11 -7.25
CA PHE A 528 -26.62 -3.22 -8.11
C PHE A 528 -26.82 -1.78 -7.68
N ILE A 529 -27.40 -1.58 -6.49
CA ILE A 529 -27.60 -0.21 -5.96
C ILE A 529 -27.05 -0.17 -4.53
N ASP A 530 -26.18 0.79 -4.23
CA ASP A 530 -25.68 0.92 -2.85
C ASP A 530 -26.72 1.73 -2.08
N GLU A 531 -27.40 1.10 -1.13
CA GLU A 531 -28.41 1.79 -0.35
C GLU A 531 -27.87 2.45 0.91
N ASN A 532 -26.58 2.25 1.22
CA ASN A 532 -25.96 2.99 2.32
C ASN A 532 -25.33 4.30 1.86
N PHE A 533 -24.74 4.32 0.67
CA PHE A 533 -24.24 5.57 0.11
C PHE A 533 -25.37 6.55 -0.15
N CYS A 534 -26.50 6.06 -0.64
CA CYS A 534 -27.66 6.93 -0.84
C CYS A 534 -28.16 7.50 0.48
N THR A 535 -28.18 6.68 1.53
CA THR A 535 -28.59 7.17 2.84
C THR A 535 -27.63 8.23 3.36
N ALA A 536 -26.33 8.01 3.17
CA ALA A 536 -25.35 9.03 3.56
C ALA A 536 -25.57 10.33 2.81
N LEU A 537 -25.83 10.24 1.50
CA LEU A 537 -26.08 11.43 0.70
C LEU A 537 -27.33 12.15 1.18
N GLU A 538 -28.37 11.39 1.55
CA GLU A 538 -29.56 12.00 2.15
C GLU A 538 -29.25 12.67 3.48
N TYR A 539 -28.31 12.11 4.25
CA TYR A 539 -27.88 12.77 5.47
C TYR A 539 -27.07 14.03 5.21
N GLY A 540 -26.46 14.16 4.03
CA GLY A 540 -25.91 15.43 3.62
C GLY A 540 -24.42 15.43 3.32
N LEU A 541 -24.07 15.78 2.08
CA LEU A 541 -22.68 15.87 1.66
C LEU A 541 -22.36 17.29 1.24
N PRO A 542 -21.31 17.89 1.79
CA PRO A 542 -20.95 19.26 1.40
C PRO A 542 -20.46 19.29 -0.04
N PRO A 543 -20.43 20.47 -0.66
CA PRO A 543 -19.84 20.58 -2.01
C PRO A 543 -18.40 20.09 -2.00
N THR A 544 -18.14 19.01 -2.72
CA THR A 544 -16.87 18.31 -2.67
C THR A 544 -16.29 18.17 -4.07
N ALA A 545 -14.98 18.03 -4.14
CA ALA A 545 -14.28 17.74 -5.38
C ALA A 545 -13.45 16.49 -5.19
N GLY A 546 -13.57 15.55 -6.13
CA GLY A 546 -12.87 14.28 -6.07
C GLY A 546 -11.84 14.19 -7.18
N TRP A 547 -10.69 13.61 -6.87
CA TRP A 547 -9.57 13.51 -7.79
C TRP A 547 -8.95 12.13 -7.67
N GLY A 548 -8.44 11.62 -8.79
CA GLY A 548 -7.85 10.30 -8.85
C GLY A 548 -6.82 10.17 -9.94
N MET A 549 -5.65 9.65 -9.58
CA MET A 549 -4.53 9.55 -10.50
C MET A 549 -4.00 8.12 -10.55
N GLY A 550 -3.59 7.72 -11.74
CA GLY A 550 -2.98 6.41 -11.92
C GLY A 550 -1.50 6.43 -11.66
N ILE A 551 -1.07 5.77 -10.57
CA ILE A 551 0.34 5.76 -10.21
C ILE A 551 1.18 5.08 -11.28
N ASP A 552 0.71 3.92 -11.75
CA ASP A 552 1.51 3.13 -12.73
C ASP A 552 1.82 3.98 -13.97
N ARG A 553 0.81 4.60 -14.56
CA ARG A 553 1.01 5.37 -15.79
C ARG A 553 1.99 6.52 -15.59
N VAL A 554 1.88 7.22 -14.46
CA VAL A 554 2.85 8.27 -14.15
C VAL A 554 4.25 7.67 -14.03
N ALA A 555 4.36 6.48 -13.44
CA ALA A 555 5.65 5.82 -13.33
C ALA A 555 6.24 5.49 -14.69
N MET A 556 5.40 4.99 -15.60
CA MET A 556 5.88 4.70 -16.95
C MET A 556 6.33 5.97 -17.66
N PHE A 557 5.58 7.07 -17.46
CA PHE A 557 5.95 8.30 -18.14
C PHE A 557 7.22 8.91 -17.56
N LEU A 558 7.48 8.73 -16.28
CA LEU A 558 8.70 9.25 -15.67
C LEU A 558 9.87 8.29 -15.72
N THR A 559 9.67 7.06 -16.20
CA THR A 559 10.75 6.10 -16.34
C THR A 559 11.05 5.74 -17.79
N ASP A 560 10.40 6.39 -18.75
CA ASP A 560 10.57 6.09 -20.17
C ASP A 560 10.28 4.61 -20.47
N SER A 561 9.16 4.13 -19.93
CA SER A 561 8.72 2.77 -20.15
C SER A 561 7.40 2.79 -20.92
N ASN A 562 7.33 2.02 -22.00
CA ASN A 562 6.12 1.95 -22.81
C ASN A 562 5.21 0.80 -22.39
N ASN A 563 5.60 0.01 -21.41
CA ASN A 563 4.82 -1.11 -20.92
C ASN A 563 4.56 -0.96 -19.44
N ILE A 564 3.32 -1.20 -19.01
CA ILE A 564 2.99 -1.08 -17.60
C ILE A 564 3.69 -2.16 -16.78
N LYS A 565 4.03 -3.29 -17.41
CA LYS A 565 4.73 -4.35 -16.69
C LYS A 565 6.13 -3.94 -16.27
N GLU A 566 6.71 -2.91 -16.91
CA GLU A 566 8.04 -2.47 -16.55
C GLU A 566 8.09 -1.80 -15.19
N VAL A 567 6.96 -1.32 -14.68
CA VAL A 567 6.90 -0.69 -13.37
C VAL A 567 6.24 -1.57 -12.31
N LEU A 568 5.70 -2.72 -12.69
CA LEU A 568 5.21 -3.69 -11.74
C LEU A 568 6.34 -4.63 -11.36
N LEU A 569 6.52 -4.86 -10.06
CA LEU A 569 7.64 -5.68 -9.60
C LEU A 569 7.49 -7.13 -10.09
N PHE A 570 6.30 -7.70 -9.96
CA PHE A 570 6.04 -9.08 -10.34
C PHE A 570 4.79 -9.13 -11.21
N PRO A 571 4.92 -8.87 -12.51
CA PRO A 571 3.76 -9.00 -13.41
C PRO A 571 3.26 -10.44 -13.45
N ALA A 572 1.95 -10.57 -13.63
CA ALA A 572 1.32 -11.88 -13.62
C ALA A 572 1.63 -12.63 -14.92
N MET A 573 2.26 -13.80 -14.78
CA MET A 573 2.63 -14.61 -15.98
C MET A 573 2.07 -16.03 -15.81
N LYS A 574 1.26 -16.50 -16.70
CA LYS A 574 0.71 -17.88 -16.59
C LYS A 574 1.89 -18.87 -16.54
N PRO A 575 1.85 -19.91 -15.75
CA PRO A 575 2.96 -20.83 -15.58
C PRO A 575 3.29 -21.61 -16.85
N GLU A 576 4.57 -21.87 -17.09
CA GLU A 576 4.99 -22.60 -18.30
C GLU A 576 4.92 -24.11 -18.04
N ASP A 577 4.06 -24.81 -18.74
CA ASP A 577 3.90 -26.28 -18.56
C ASP A 577 5.29 -26.91 -18.64
N LYS A 578 5.62 -27.77 -17.76
CA LYS A 578 6.94 -28.38 -17.63
C LYS A 578 6.79 -29.87 -17.37
N LYS A 579 7.83 -30.62 -17.75
CA LYS A 579 7.85 -32.06 -17.54
C LYS A 579 9.16 -32.48 -16.89
N VAL B 71 -40.67 13.45 16.30
CA VAL B 71 -41.78 12.80 15.61
C VAL B 71 -41.28 11.59 14.84
N ASP B 72 -42.08 11.13 13.89
CA ASP B 72 -41.72 9.97 13.10
C ASP B 72 -40.58 10.34 12.14
N PRO B 73 -39.46 9.61 12.17
CA PRO B 73 -38.39 9.91 11.21
C PRO B 73 -38.81 9.83 9.76
N ASN B 74 -39.71 8.89 9.42
CA ASN B 74 -40.19 8.81 8.04
C ASN B 74 -40.99 10.04 7.65
N GLN B 75 -41.86 10.53 8.53
CA GLN B 75 -42.61 11.75 8.25
C GLN B 75 -41.66 12.94 8.11
N TYR B 76 -40.66 13.03 8.97
CA TYR B 76 -39.69 14.11 8.87
C TYR B 76 -38.95 14.06 7.54
N TYR B 77 -38.53 12.86 7.13
CA TYR B 77 -37.85 12.72 5.85
C TYR B 77 -38.74 13.12 4.69
N LYS B 78 -40.00 12.70 4.72
CA LYS B 78 -40.91 13.04 3.63
C LYS B 78 -41.14 14.55 3.56
N ILE B 79 -41.36 15.18 4.71
CA ILE B 79 -41.62 16.62 4.73
C ILE B 79 -40.40 17.38 4.26
N ARG B 80 -39.21 16.98 4.71
CA ARG B 80 -37.99 17.67 4.30
C ARG B 80 -37.72 17.48 2.82
N SER B 81 -38.00 16.29 2.29
CA SER B 81 -37.85 16.07 0.86
C SER B 81 -38.79 16.97 0.06
N GLN B 82 -40.04 17.09 0.52
CA GLN B 82 -40.98 17.98 -0.14
C GLN B 82 -40.50 19.42 -0.10
N ALA B 83 -40.00 19.86 1.05
CA ALA B 83 -39.52 21.23 1.20
C ALA B 83 -38.32 21.51 0.28
N ILE B 84 -37.39 20.56 0.22
CA ILE B 84 -36.20 20.76 -0.62
C ILE B 84 -36.60 20.74 -2.10
N HIS B 85 -37.56 19.89 -2.48
CA HIS B 85 -38.05 19.92 -3.85
C HIS B 85 -38.69 21.26 -4.18
N GLN B 86 -39.47 21.82 -3.24
CA GLN B 86 -40.06 23.12 -3.44
C GLN B 86 -38.99 24.19 -3.59
N LEU B 87 -37.92 24.09 -2.80
CA LEU B 87 -36.79 25.02 -2.96
C LEU B 87 -36.17 24.89 -4.34
N LYS B 88 -36.02 23.65 -4.84
CA LYS B 88 -35.45 23.45 -6.15
C LYS B 88 -36.31 24.08 -7.24
N VAL B 89 -37.63 23.88 -7.17
CA VAL B 89 -38.49 24.37 -8.24
C VAL B 89 -38.69 25.87 -8.16
N ASN B 90 -38.33 26.49 -7.04
CA ASN B 90 -38.49 27.93 -6.88
C ASN B 90 -37.25 28.72 -7.24
N GLY B 91 -36.20 28.07 -7.76
CA GLY B 91 -35.00 28.79 -8.11
C GLY B 91 -34.13 29.18 -6.93
N GLU B 92 -34.21 28.43 -5.84
CA GLU B 92 -33.41 28.69 -4.65
C GLU B 92 -32.52 27.48 -4.35
N ASP B 93 -31.80 27.01 -5.38
CA ASP B 93 -31.04 25.76 -5.39
C ASP B 93 -30.34 25.50 -4.06
N PRO B 94 -30.69 24.42 -3.37
CA PRO B 94 -30.03 24.08 -2.10
C PRO B 94 -28.71 23.33 -2.24
N TYR B 95 -28.18 23.20 -3.46
CA TYR B 95 -26.90 22.54 -3.69
C TYR B 95 -26.03 23.45 -4.53
N PRO B 96 -25.51 24.54 -3.95
CA PRO B 96 -24.64 25.44 -4.72
C PRO B 96 -23.36 24.73 -5.13
N HIS B 97 -22.82 25.15 -6.28
CA HIS B 97 -21.65 24.48 -6.83
C HIS B 97 -20.39 24.83 -6.04
N LYS B 98 -20.30 26.05 -5.52
CA LYS B 98 -19.08 26.50 -4.88
C LYS B 98 -19.40 27.51 -3.79
N PHE B 99 -18.73 27.36 -2.65
CA PHE B 99 -18.76 28.34 -1.58
C PHE B 99 -17.33 28.57 -1.12
N HIS B 100 -16.84 29.80 -1.28
CA HIS B 100 -15.44 30.10 -1.01
C HIS B 100 -15.24 30.27 0.49
N VAL B 101 -14.75 29.22 1.14
CA VAL B 101 -14.41 29.30 2.56
C VAL B 101 -13.06 29.99 2.71
N ASP B 102 -13.01 31.01 3.57
CA ASP B 102 -11.79 31.78 3.75
C ASP B 102 -10.90 31.23 4.86
N ILE B 103 -11.49 30.88 6.00
CA ILE B 103 -10.74 30.42 7.16
C ILE B 103 -11.40 29.16 7.70
N SER B 104 -10.59 28.31 8.32
CA SER B 104 -11.10 27.11 8.96
C SER B 104 -11.60 27.43 10.36
N LEU B 105 -12.42 26.53 10.90
CA LEU B 105 -12.99 26.78 12.23
C LEU B 105 -11.91 26.77 13.31
N THR B 106 -10.94 25.86 13.19
CA THR B 106 -9.85 25.81 14.16
C THR B 106 -9.06 27.11 14.16
N ASP B 107 -8.74 27.62 12.96
CA ASP B 107 -8.02 28.88 12.86
C ASP B 107 -8.88 30.04 13.36
N PHE B 108 -10.19 29.98 13.13
CA PHE B 108 -11.09 31.01 13.65
C PHE B 108 -11.05 31.04 15.18
N ILE B 109 -11.09 29.87 15.80
CA ILE B 109 -11.02 29.81 17.26
C ILE B 109 -9.67 30.31 17.76
N GLN B 110 -8.59 29.88 17.11
CA GLN B 110 -7.25 30.23 17.58
C GLN B 110 -6.96 31.72 17.43
N LYS B 111 -7.39 32.33 16.33
CA LYS B 111 -7.02 33.70 16.03
C LYS B 111 -7.83 34.74 16.80
N TYR B 112 -9.10 34.43 17.12
CA TYR B 112 -9.99 35.42 17.72
C TYR B 112 -10.44 35.02 19.11
N SER B 113 -9.61 34.24 19.82
CA SER B 113 -9.94 33.89 21.19
C SER B 113 -9.52 34.97 22.17
N HIS B 114 -8.79 35.98 21.70
CA HIS B 114 -8.30 37.06 22.57
C HIS B 114 -9.35 38.14 22.75
N LEU B 115 -10.48 38.01 22.07
CA LEU B 115 -11.50 39.05 22.13
C LEU B 115 -12.12 39.14 23.52
N GLN B 116 -12.45 40.37 23.93
CA GLN B 116 -13.11 40.59 25.19
C GLN B 116 -14.56 40.12 25.13
N PRO B 117 -15.16 39.80 26.28
CA PRO B 117 -16.54 39.30 26.27
C PRO B 117 -17.56 40.39 25.93
N GLY B 118 -17.74 40.67 24.65
CA GLY B 118 -18.75 41.62 24.24
C GLY B 118 -18.36 42.50 23.06
N ASP B 119 -17.14 42.35 22.57
CA ASP B 119 -16.69 43.16 21.44
C ASP B 119 -17.29 42.64 20.13
N HIS B 120 -17.16 43.46 19.09
CA HIS B 120 -17.73 43.13 17.79
C HIS B 120 -16.84 43.76 16.72
N LEU B 121 -15.96 42.96 16.14
CA LEU B 121 -15.05 43.44 15.10
C LEU B 121 -15.82 43.58 13.80
N THR B 122 -16.28 44.80 13.51
CA THR B 122 -17.07 45.04 12.30
C THR B 122 -16.21 45.28 11.07
N ASP B 123 -14.89 45.36 11.21
CA ASP B 123 -14.00 45.60 10.08
C ASP B 123 -13.47 44.32 9.45
N ILE B 124 -13.79 43.16 10.00
CA ILE B 124 -13.32 41.88 9.49
C ILE B 124 -14.52 41.03 9.09
N THR B 125 -14.51 40.52 7.87
CA THR B 125 -15.60 39.70 7.34
C THR B 125 -15.01 38.39 6.82
N LEU B 126 -15.31 37.30 7.51
CA LEU B 126 -14.79 35.99 7.17
C LEU B 126 -15.92 35.04 6.80
N LYS B 127 -15.58 34.03 6.01
CA LYS B 127 -16.52 33.02 5.55
C LYS B 127 -16.09 31.67 6.08
N VAL B 128 -16.98 30.99 6.80
CA VAL B 128 -16.74 29.67 7.34
C VAL B 128 -17.89 28.76 6.87
N ALA B 129 -17.73 27.46 7.12
CA ALA B 129 -18.75 26.50 6.73
C ALA B 129 -18.74 25.34 7.71
N GLY B 130 -19.89 24.68 7.83
CA GLY B 130 -19.98 23.55 8.72
C GLY B 130 -21.40 23.08 8.88
N ARG B 131 -21.55 22.04 9.70
CA ARG B 131 -22.82 21.39 9.95
C ARG B 131 -23.47 21.95 11.20
N ILE B 132 -24.74 22.32 11.09
CA ILE B 132 -25.48 22.84 12.25
C ILE B 132 -25.73 21.69 13.22
N HIS B 133 -25.41 21.92 14.49
CA HIS B 133 -25.63 20.92 15.53
C HIS B 133 -26.76 21.28 16.49
N ALA B 134 -27.18 22.54 16.53
CA ALA B 134 -28.27 22.95 17.40
C ALA B 134 -28.82 24.28 16.88
N LYS B 135 -30.13 24.40 16.87
CA LYS B 135 -30.81 25.61 16.41
C LYS B 135 -31.66 26.12 17.59
N ARG B 136 -31.07 26.99 18.41
CA ARG B 136 -31.76 27.55 19.56
C ARG B 136 -32.40 28.88 19.16
N ALA B 137 -33.60 29.12 19.63
CA ALA B 137 -34.34 30.33 19.32
C ALA B 137 -34.50 31.18 20.57
N SER B 138 -34.27 32.49 20.43
CA SER B 138 -34.41 33.44 21.52
C SER B 138 -35.31 34.60 21.12
N GLY B 139 -36.31 34.33 20.29
CA GLY B 139 -37.21 35.34 19.76
C GLY B 139 -37.22 35.34 18.26
N GLY B 140 -37.93 36.31 17.71
CA GLY B 140 -38.02 36.44 16.26
C GLY B 140 -36.86 37.18 15.61
N LYS B 141 -35.94 37.71 16.41
CA LYS B 141 -34.84 38.51 15.88
C LYS B 141 -33.47 38.02 16.34
N LEU B 142 -33.40 36.87 17.02
CA LEU B 142 -32.13 36.36 17.50
C LEU B 142 -32.20 34.85 17.52
N ILE B 143 -31.32 34.19 16.75
CA ILE B 143 -31.27 32.73 16.70
C ILE B 143 -29.82 32.28 16.80
N PHE B 144 -29.56 31.33 17.69
CA PHE B 144 -28.23 30.79 17.88
C PHE B 144 -28.09 29.47 17.13
N TYR B 145 -26.98 29.32 16.41
CA TYR B 145 -26.65 28.08 15.73
C TYR B 145 -25.32 27.56 16.27
N ASP B 146 -25.19 26.24 16.34
CA ASP B 146 -23.97 25.59 16.82
C ASP B 146 -23.30 24.92 15.63
N LEU B 147 -22.34 25.61 15.03
CA LEU B 147 -21.59 25.08 13.91
C LEU B 147 -20.49 24.15 14.40
N ARG B 148 -20.34 23.01 13.74
CA ARG B 148 -19.30 22.03 14.07
C ARG B 148 -18.50 21.71 12.83
N GLY B 149 -17.19 21.88 12.91
CA GLY B 149 -16.32 21.68 11.78
C GLY B 149 -15.34 20.53 11.93
N GLU B 150 -14.09 20.86 12.27
CA GLU B 150 -13.00 19.89 12.35
C GLU B 150 -12.86 19.29 13.74
N GLY B 151 -13.95 19.15 14.48
CA GLY B 151 -13.90 18.72 15.85
C GLY B 151 -14.00 19.84 16.87
N VAL B 152 -14.28 21.07 16.42
CA VAL B 152 -14.42 22.19 17.32
C VAL B 152 -15.85 22.71 17.27
N LYS B 153 -16.17 23.69 18.11
CA LYS B 153 -17.50 24.26 18.18
C LYS B 153 -17.41 25.76 17.93
N LEU B 154 -18.35 26.27 17.13
CA LEU B 154 -18.46 27.70 16.90
C LEU B 154 -19.93 28.09 17.06
N GLN B 155 -20.17 29.31 17.52
CA GLN B 155 -21.53 29.80 17.71
C GLN B 155 -21.84 30.89 16.69
N VAL B 156 -23.01 30.79 16.08
CA VAL B 156 -23.46 31.78 15.10
C VAL B 156 -24.70 32.44 15.69
N MET B 157 -24.55 33.66 16.18
CA MET B 157 -25.69 34.41 16.72
C MET B 157 -26.26 35.30 15.62
N ALA B 158 -27.28 34.79 14.92
CA ALA B 158 -27.92 35.49 13.82
C ALA B 158 -28.89 36.50 14.41
N ASN B 159 -28.61 37.77 14.18
CA ASN B 159 -29.44 38.88 14.63
C ASN B 159 -29.95 39.64 13.41
N SER B 160 -31.19 40.14 13.49
CA SER B 160 -31.79 40.81 12.34
C SER B 160 -31.05 42.08 11.97
N ARG B 161 -30.63 42.84 12.99
CA ARG B 161 -29.92 44.11 12.74
C ARG B 161 -28.67 43.84 11.88
N ASN B 162 -27.79 42.95 12.36
CA ASN B 162 -26.51 42.68 11.64
C ASN B 162 -26.76 41.91 10.34
N TYR B 163 -27.90 41.22 10.23
CA TYR B 163 -28.15 40.39 9.01
C TYR B 163 -28.33 41.32 7.81
N LYS B 164 -28.07 40.81 6.60
CA LYS B 164 -28.14 41.65 5.38
C LYS B 164 -29.53 42.32 5.29
N SER B 165 -30.60 41.54 5.46
CA SER B 165 -31.97 42.10 5.33
C SER B 165 -32.95 41.35 6.26
N GLU B 166 -33.99 42.04 6.73
CA GLU B 166 -34.96 41.40 7.67
C GLU B 166 -35.74 40.30 6.97
N GLU B 167 -36.38 40.62 5.83
CA GLU B 167 -37.21 39.60 5.13
C GLU B 167 -36.30 38.42 4.78
N GLU B 168 -35.03 38.69 4.46
CA GLU B 168 -34.10 37.61 4.17
C GLU B 168 -33.69 36.86 5.42
N PHE B 169 -33.60 37.54 6.56
CA PHE B 169 -33.34 36.86 7.83
C PHE B 169 -34.45 35.86 8.14
N ILE B 170 -35.70 36.28 7.99
CA ILE B 170 -36.83 35.38 8.21
C ILE B 170 -36.80 34.24 7.20
N HIS B 171 -36.50 34.54 5.94
CA HIS B 171 -36.50 33.53 4.90
C HIS B 171 -35.44 32.45 5.17
N ILE B 172 -34.25 32.86 5.60
CA ILE B 172 -33.20 31.89 5.83
C ILE B 172 -33.41 31.15 7.14
N ASN B 173 -34.05 31.78 8.12
CA ASN B 173 -34.29 31.11 9.40
C ASN B 173 -35.43 30.10 9.33
N ASN B 174 -36.26 30.14 8.30
CA ASN B 174 -37.36 29.20 8.15
C ASN B 174 -37.02 28.04 7.24
N LYS B 175 -35.78 27.95 6.75
CA LYS B 175 -35.37 26.85 5.90
C LYS B 175 -34.19 26.06 6.45
N LEU B 176 -33.58 26.52 7.54
CA LEU B 176 -32.41 25.84 8.12
C LEU B 176 -32.84 25.04 9.33
N ARG B 177 -32.34 23.81 9.42
CA ARG B 177 -32.60 22.94 10.56
C ARG B 177 -31.33 22.19 10.89
N ARG B 178 -31.28 21.62 12.10
CA ARG B 178 -30.06 20.99 12.59
C ARG B 178 -29.64 19.84 11.67
N GLY B 179 -28.34 19.73 11.48
CA GLY B 179 -27.76 18.76 10.56
C GLY B 179 -27.46 19.33 9.19
N ASP B 180 -27.98 20.51 8.87
CA ASP B 180 -27.73 21.10 7.57
C ASP B 180 -26.31 21.62 7.47
N ILE B 181 -25.71 21.46 6.30
CA ILE B 181 -24.40 22.01 6.00
C ILE B 181 -24.59 23.41 5.44
N ILE B 182 -24.11 24.42 6.17
CA ILE B 182 -24.33 25.81 5.82
C ILE B 182 -23.00 26.55 5.79
N GLY B 183 -22.98 27.64 5.03
CA GLY B 183 -21.87 28.57 5.00
C GLY B 183 -22.30 29.91 5.55
N VAL B 184 -21.45 30.48 6.41
CA VAL B 184 -21.74 31.72 7.11
C VAL B 184 -20.66 32.74 6.75
N GLN B 185 -21.10 33.91 6.29
CA GLN B 185 -20.21 35.04 6.06
C GLN B 185 -20.56 36.12 7.07
N GLY B 186 -19.61 36.46 7.94
CA GLY B 186 -19.92 37.37 9.01
C GLY B 186 -18.68 37.89 9.71
N ASN B 187 -18.92 38.65 10.77
CA ASN B 187 -17.88 39.33 11.54
C ASN B 187 -17.63 38.61 12.86
N PRO B 188 -16.37 38.40 13.24
CA PRO B 188 -16.10 37.77 14.53
C PRO B 188 -16.50 38.67 15.69
N GLY B 189 -16.79 38.05 16.82
CA GLY B 189 -17.15 38.80 18.00
C GLY B 189 -17.32 37.87 19.19
N LYS B 190 -17.79 38.43 20.29
CA LYS B 190 -18.03 37.65 21.49
C LYS B 190 -19.31 38.12 22.16
N THR B 191 -20.00 37.20 22.82
CA THR B 191 -21.21 37.53 23.52
C THR B 191 -20.91 38.05 24.92
N LYS B 192 -21.95 38.52 25.60
CA LYS B 192 -21.80 39.01 26.96
C LYS B 192 -21.39 37.89 27.92
N LYS B 193 -21.66 36.63 27.57
CA LYS B 193 -21.26 35.49 28.39
C LYS B 193 -19.86 35.01 28.09
N GLY B 194 -19.16 35.65 27.15
CA GLY B 194 -17.78 35.29 26.85
C GLY B 194 -17.65 34.08 25.94
N GLU B 195 -18.52 33.98 24.94
CA GLU B 195 -18.49 32.89 23.98
C GLU B 195 -18.14 33.45 22.61
N LEU B 196 -17.08 32.93 22.01
CA LEU B 196 -16.68 33.38 20.68
C LEU B 196 -17.77 33.04 19.67
N SER B 197 -18.07 33.99 18.79
CA SER B 197 -19.16 33.83 17.85
C SER B 197 -18.81 34.57 16.56
N ILE B 198 -19.53 34.23 15.49
CA ILE B 198 -19.40 34.93 14.22
C ILE B 198 -20.79 35.45 13.88
N ILE B 199 -21.00 36.75 14.07
CA ILE B 199 -22.29 37.37 13.77
C ILE B 199 -22.45 37.39 12.27
N PRO B 200 -23.47 36.73 11.72
CA PRO B 200 -23.54 36.55 10.27
C PRO B 200 -24.07 37.78 9.54
N TYR B 201 -23.49 38.04 8.38
CA TYR B 201 -24.05 38.99 7.42
C TYR B 201 -24.90 38.30 6.37
N GLU B 202 -24.63 37.03 6.10
CA GLU B 202 -25.41 36.26 5.13
C GLU B 202 -25.12 34.78 5.35
N ILE B 203 -26.17 33.99 5.53
CA ILE B 203 -26.05 32.55 5.72
C ILE B 203 -26.54 31.86 4.45
N THR B 204 -25.74 30.92 3.96
CA THR B 204 -26.04 30.19 2.73
C THR B 204 -26.18 28.72 3.03
N LEU B 205 -27.27 28.11 2.58
CA LEU B 205 -27.48 26.69 2.75
C LEU B 205 -26.72 25.93 1.67
N LEU B 206 -25.74 25.13 2.08
CA LEU B 206 -24.92 24.39 1.13
C LEU B 206 -25.48 23.00 0.84
N SER B 207 -25.93 22.29 1.85
CA SER B 207 -26.49 20.95 1.66
C SER B 207 -27.44 20.60 2.78
N PRO B 208 -28.74 20.45 2.50
CA PRO B 208 -29.69 20.13 3.55
C PRO B 208 -29.53 18.70 4.05
N CYS B 209 -30.00 18.47 5.26
CA CYS B 209 -30.04 17.14 5.88
C CYS B 209 -31.49 16.70 5.94
N LEU B 210 -31.86 15.72 5.11
CA LEU B 210 -33.24 15.30 4.98
C LEU B 210 -33.67 14.33 6.07
N HIS B 211 -32.75 13.74 6.81
CA HIS B 211 -33.07 12.79 7.86
C HIS B 211 -33.00 13.47 9.21
N MET B 212 -33.82 12.97 10.15
CA MET B 212 -33.80 13.50 11.50
C MET B 212 -32.61 12.91 12.26
N LEU B 213 -31.69 13.77 12.67
CA LEU B 213 -30.53 13.31 13.42
C LEU B 213 -30.97 12.78 14.78
N PRO B 214 -30.19 11.86 15.37
CA PRO B 214 -30.56 11.33 16.68
C PRO B 214 -30.60 12.42 17.74
N HIS B 215 -31.28 12.12 18.84
CA HIS B 215 -31.52 13.10 19.89
C HIS B 215 -30.20 13.55 20.51
N LEU B 216 -30.20 14.79 21.00
CA LEU B 216 -28.98 15.37 21.56
C LEU B 216 -28.49 14.57 22.77
N HIS B 217 -29.40 14.20 23.66
CA HIS B 217 -29.02 13.44 24.86
C HIS B 217 -28.94 11.94 24.61
N PHE B 218 -29.35 11.47 23.43
CA PHE B 218 -29.39 10.05 23.09
C PHE B 218 -28.63 9.78 21.81
N GLY B 219 -27.41 10.29 21.73
CA GLY B 219 -26.57 10.09 20.57
C GLY B 219 -26.27 8.62 20.32
N LEU B 220 -25.55 8.36 19.24
CA LEU B 220 -25.25 7.01 18.81
C LEU B 220 -24.50 6.23 19.88
N LYS B 221 -25.14 5.21 20.43
CA LYS B 221 -24.52 4.34 21.43
C LYS B 221 -24.60 2.86 21.09
N ASP B 222 -25.46 2.45 20.16
CA ASP B 222 -25.53 1.05 19.76
C ASP B 222 -24.31 0.71 18.91
N LYS B 223 -23.58 -0.33 19.31
CA LYS B 223 -22.35 -0.68 18.61
C LYS B 223 -22.63 -1.08 17.17
N GLU B 224 -23.69 -1.87 16.94
CA GLU B 224 -24.01 -2.29 15.58
C GLU B 224 -24.35 -1.10 14.70
N THR B 225 -25.17 -0.18 15.22
CA THR B 225 -25.52 1.01 14.44
C THR B 225 -24.29 1.87 14.17
N ARG B 226 -23.41 2.02 15.16
CA ARG B 226 -22.22 2.82 14.97
C ARG B 226 -21.31 2.22 13.91
N TYR B 227 -21.15 0.89 13.92
CA TYR B 227 -20.27 0.26 12.95
C TYR B 227 -20.87 0.23 11.56
N ARG B 228 -22.19 0.07 11.44
CA ARG B 228 -22.82 0.02 10.13
C ARG B 228 -22.88 1.40 9.49
N GLN B 229 -23.19 2.42 10.27
CA GLN B 229 -23.28 3.80 9.78
C GLN B 229 -22.14 4.59 10.42
N ARG B 230 -20.98 4.57 9.76
CA ARG B 230 -19.81 5.24 10.31
C ARG B 230 -19.93 6.76 10.20
N TYR B 231 -20.64 7.26 9.18
CA TYR B 231 -20.80 8.71 9.04
C TYR B 231 -21.57 9.30 10.22
N LEU B 232 -22.62 8.61 10.66
CA LEU B 232 -23.34 9.06 11.85
C LEU B 232 -22.45 9.03 13.09
N ASP B 233 -21.61 8.00 13.20
CA ASP B 233 -20.68 7.93 14.31
C ASP B 233 -19.72 9.10 14.31
N LEU B 234 -19.20 9.46 13.14
CA LEU B 234 -18.32 10.63 13.04
C LEU B 234 -19.06 11.92 13.37
N ILE B 235 -20.30 12.04 12.92
CA ILE B 235 -21.07 13.26 13.16
C ILE B 235 -21.34 13.44 14.64
N LEU B 236 -21.80 12.39 15.31
CA LEU B 236 -22.26 12.51 16.68
C LEU B 236 -21.15 12.28 17.71
N ASN B 237 -20.28 11.29 17.48
CA ASN B 237 -19.22 10.96 18.42
C ASN B 237 -17.90 11.55 17.93
N ASP B 238 -17.20 12.24 18.83
CA ASP B 238 -15.98 12.94 18.45
C ASP B 238 -14.71 12.12 18.63
N PHE B 239 -14.74 11.11 19.49
CA PHE B 239 -13.53 10.31 19.72
C PHE B 239 -13.18 9.42 18.54
N VAL B 240 -14.14 9.15 17.66
CA VAL B 240 -13.87 8.30 16.49
C VAL B 240 -12.84 8.97 15.59
N ARG B 241 -12.99 10.27 15.36
CA ARG B 241 -12.01 11.01 14.56
C ARG B 241 -10.63 10.95 15.18
N GLN B 242 -10.55 11.07 16.50
CA GLN B 242 -9.26 10.96 17.17
C GLN B 242 -8.66 9.57 17.01
N LYS B 243 -9.50 8.53 17.08
CA LYS B 243 -9.01 7.18 16.89
C LYS B 243 -8.38 7.01 15.51
N PHE B 244 -9.08 7.49 14.48
CA PHE B 244 -8.55 7.30 13.13
C PHE B 244 -7.36 8.20 12.85
N ILE B 245 -7.31 9.38 13.48
CA ILE B 245 -6.12 10.23 13.38
C ILE B 245 -4.92 9.53 14.01
N ILE B 246 -5.12 8.87 15.15
CA ILE B 246 -4.04 8.15 15.80
C ILE B 246 -3.58 6.98 14.93
N ARG B 247 -4.51 6.28 14.28
CA ARG B 247 -4.13 5.21 13.38
C ARG B 247 -3.28 5.73 12.23
N SER B 248 -3.69 6.84 11.64
CA SER B 248 -2.91 7.46 10.57
C SER B 248 -1.53 7.86 11.06
N LYS B 249 -1.46 8.41 12.28
CA LYS B 249 -0.18 8.78 12.87
C LYS B 249 0.72 7.56 13.05
N ILE B 250 0.14 6.44 13.48
CA ILE B 250 0.91 5.21 13.65
C ILE B 250 1.54 4.81 12.32
N ILE B 251 0.73 4.77 11.27
CA ILE B 251 1.25 4.33 9.97
C ILE B 251 2.31 5.29 9.47
N THR B 252 2.07 6.60 9.61
CA THR B 252 3.03 7.58 9.14
C THR B 252 4.34 7.48 9.91
N TYR B 253 4.27 7.25 11.22
CA TYR B 253 5.49 7.10 12.02
C TYR B 253 6.28 5.89 11.57
N ILE B 254 5.60 4.76 11.32
CA ILE B 254 6.31 3.57 10.84
C ILE B 254 6.99 3.85 9.52
N ARG B 255 6.27 4.50 8.60
CA ARG B 255 6.83 4.79 7.29
C ARG B 255 8.05 5.71 7.40
N SER B 256 7.95 6.75 8.24
CA SER B 256 9.07 7.66 8.41
C SER B 256 10.27 6.98 9.04
N PHE B 257 10.04 6.14 10.05
CA PHE B 257 11.12 5.41 10.70
C PHE B 257 11.87 4.55 9.69
N LEU B 258 11.13 3.73 8.93
CA LEU B 258 11.78 2.84 7.98
C LEU B 258 12.42 3.60 6.83
N ASP B 259 11.82 4.70 6.39
CA ASP B 259 12.42 5.50 5.32
C ASP B 259 13.73 6.12 5.78
N GLU B 260 13.77 6.65 7.00
CA GLU B 260 15.01 7.22 7.50
C GLU B 260 16.06 6.16 7.77
N LEU B 261 15.64 4.93 8.07
CA LEU B 261 16.62 3.86 8.24
C LEU B 261 17.31 3.50 6.94
N GLY B 262 16.72 3.81 5.79
CA GLY B 262 17.29 3.46 4.51
C GLY B 262 16.51 2.45 3.71
N PHE B 263 15.27 2.14 4.10
CA PHE B 263 14.47 1.15 3.42
C PHE B 263 13.83 1.73 2.16
N LEU B 264 13.34 0.83 1.31
CA LEU B 264 12.64 1.21 0.09
C LEU B 264 11.25 0.60 0.12
N GLU B 265 10.23 1.46 0.05
CA GLU B 265 8.85 0.97 0.05
C GLU B 265 8.54 0.33 -1.30
N ILE B 266 7.89 -0.83 -1.26
CA ILE B 266 7.57 -1.59 -2.46
C ILE B 266 6.09 -1.94 -2.46
N GLU B 267 5.65 -2.56 -3.55
CA GLU B 267 4.29 -3.04 -3.69
C GLU B 267 4.34 -4.41 -4.35
N THR B 268 3.81 -5.41 -3.66
CA THR B 268 3.84 -6.79 -4.11
C THR B 268 2.46 -7.23 -4.56
N PRO B 269 2.37 -8.22 -5.46
CA PRO B 269 1.07 -8.61 -6.01
C PRO B 269 0.11 -9.07 -4.92
N MET B 270 -1.16 -8.71 -5.09
CA MET B 270 -2.22 -9.13 -4.19
C MET B 270 -2.90 -10.41 -4.66
N MET B 271 -2.60 -10.84 -5.88
CA MET B 271 -3.17 -12.11 -6.41
C MET B 271 -2.02 -13.08 -6.69
N ASN B 272 -1.97 -14.21 -5.98
CA ASN B 272 -0.83 -15.15 -6.13
C ASN B 272 -1.33 -16.51 -6.65
N ILE B 273 -0.68 -17.05 -7.68
CA ILE B 273 -1.07 -18.39 -8.21
C ILE B 273 -1.05 -19.39 -7.05
N ILE B 274 -0.02 -19.34 -6.20
CA ILE B 274 0.03 -20.23 -5.04
C ILE B 274 0.13 -19.38 -3.78
N PRO B 275 -0.78 -19.56 -2.81
CA PRO B 275 -0.69 -18.78 -1.58
C PRO B 275 0.46 -19.28 -0.71
N GLY B 276 1.16 -18.35 -0.09
CA GLY B 276 2.28 -18.70 0.75
C GLY B 276 2.79 -17.51 1.52
N GLY B 277 3.59 -17.80 2.55
CA GLY B 277 4.16 -16.76 3.37
C GLY B 277 3.68 -16.79 4.80
N ALA B 278 2.55 -17.48 5.04
CA ALA B 278 1.98 -17.57 6.37
C ALA B 278 1.12 -18.82 6.44
N VAL B 279 0.49 -19.03 7.59
CA VAL B 279 -0.38 -20.16 7.84
C VAL B 279 -1.80 -19.61 7.95
N ALA B 280 -2.58 -19.74 6.89
CA ALA B 280 -3.92 -19.19 6.85
C ALA B 280 -4.71 -19.84 5.72
N LYS B 281 -6.02 -19.66 5.76
CA LYS B 281 -6.90 -20.12 4.68
C LYS B 281 -7.12 -18.99 3.69
N PRO B 282 -6.80 -19.19 2.41
CA PRO B 282 -6.83 -18.08 1.45
C PRO B 282 -8.19 -17.89 0.80
N PHE B 283 -8.30 -16.78 0.08
CA PHE B 283 -9.44 -16.47 -0.76
C PHE B 283 -9.10 -16.84 -2.20
N ILE B 284 -10.04 -17.45 -2.91
CA ILE B 284 -9.83 -17.87 -4.29
C ILE B 284 -10.68 -17.02 -5.21
N THR B 285 -10.03 -16.38 -6.19
CA THR B 285 -10.72 -15.60 -7.20
C THR B 285 -10.43 -16.19 -8.57
N TYR B 286 -11.12 -15.72 -9.62
CA TYR B 286 -10.94 -16.23 -10.96
C TYR B 286 -10.53 -15.08 -11.87
N HIS B 287 -9.34 -15.17 -12.46
CA HIS B 287 -8.90 -14.17 -13.43
C HIS B 287 -9.57 -14.40 -14.77
N ASN B 288 -9.86 -13.32 -15.46
CA ASN B 288 -10.58 -13.40 -16.74
C ASN B 288 -9.65 -13.52 -17.93
N GLU B 289 -8.65 -12.63 -18.01
CA GLU B 289 -7.64 -12.74 -19.09
C GLU B 289 -6.85 -14.04 -18.88
N LEU B 290 -6.65 -14.43 -17.63
CA LEU B 290 -5.92 -15.69 -17.32
C LEU B 290 -6.92 -16.73 -16.79
N ASP B 291 -7.23 -17.76 -17.57
CA ASP B 291 -8.26 -18.77 -17.16
C ASP B 291 -7.87 -19.38 -15.81
N MET B 292 -6.58 -19.31 -15.45
CA MET B 292 -6.10 -19.86 -14.15
C MET B 292 -6.76 -19.10 -12.99
N ASN B 293 -7.03 -19.80 -11.88
CA ASN B 293 -7.61 -19.13 -10.67
C ASN B 293 -6.48 -18.46 -9.89
N LEU B 294 -6.80 -17.47 -9.06
CA LEU B 294 -5.74 -16.73 -8.31
C LEU B 294 -6.09 -16.64 -6.83
N TYR B 295 -5.12 -16.89 -5.95
CA TYR B 295 -5.35 -16.81 -4.52
C TYR B 295 -4.97 -15.41 -4.03
N MET B 296 -5.76 -14.88 -3.12
CA MET B 296 -5.46 -13.56 -2.60
C MET B 296 -4.30 -13.62 -1.61
N ARG B 297 -3.68 -12.48 -1.39
CA ARG B 297 -2.46 -12.42 -0.59
C ARG B 297 -2.75 -12.77 0.86
N ILE B 298 -1.88 -13.60 1.44
CA ILE B 298 -1.87 -13.82 2.88
C ILE B 298 -0.60 -13.29 3.53
N ALA B 299 0.47 -13.11 2.77
CA ALA B 299 1.71 -12.51 3.26
C ALA B 299 2.59 -12.19 2.07
N PRO B 300 3.27 -11.04 2.09
CA PRO B 300 4.17 -10.69 0.98
C PRO B 300 5.59 -11.20 1.18
N GLU B 301 5.75 -12.16 2.11
CA GLU B 301 7.09 -12.59 2.52
C GLU B 301 7.91 -13.16 1.37
N LEU B 302 7.33 -14.09 0.62
CA LEU B 302 8.06 -14.78 -0.43
C LEU B 302 8.48 -13.86 -1.57
N TYR B 303 7.81 -12.73 -1.75
CA TYR B 303 8.21 -11.74 -2.73
C TYR B 303 9.25 -10.76 -2.21
N HIS B 304 9.17 -10.39 -0.93
CA HIS B 304 10.20 -9.58 -0.32
C HIS B 304 11.54 -10.31 -0.33
N LYS B 305 11.54 -11.60 -0.02
CA LYS B 305 12.78 -12.37 -0.05
C LYS B 305 13.34 -12.45 -1.46
N MET B 306 12.47 -12.60 -2.47
CA MET B 306 12.93 -12.60 -3.85
C MET B 306 13.54 -11.26 -4.22
N LEU B 307 12.95 -10.15 -3.75
CA LEU B 307 13.51 -8.84 -4.01
C LEU B 307 14.88 -8.68 -3.35
N VAL B 308 15.03 -9.18 -2.12
CA VAL B 308 16.33 -9.11 -1.45
C VAL B 308 17.36 -9.94 -2.20
N VAL B 309 16.94 -11.07 -2.75
CA VAL B 309 17.80 -11.83 -3.66
C VAL B 309 18.19 -10.97 -4.85
N GLY B 310 17.24 -10.18 -5.35
CA GLY B 310 17.51 -9.33 -6.51
C GLY B 310 18.62 -8.33 -6.27
N GLY B 311 18.71 -7.81 -5.04
CA GLY B 311 19.79 -6.89 -4.72
C GLY B 311 19.41 -5.76 -3.80
N ILE B 312 18.12 -5.49 -3.65
CA ILE B 312 17.66 -4.43 -2.76
C ILE B 312 17.74 -4.94 -1.33
N ASP B 313 18.70 -4.40 -0.57
CA ASP B 313 19.05 -4.97 0.72
C ASP B 313 17.95 -4.75 1.75
N ARG B 314 17.36 -3.57 1.79
CA ARG B 314 16.36 -3.21 2.80
C ARG B 314 15.06 -2.88 2.06
N VAL B 315 14.01 -3.64 2.33
CA VAL B 315 12.71 -3.40 1.71
C VAL B 315 11.64 -3.39 2.79
N TYR B 316 10.52 -2.77 2.48
CA TYR B 316 9.38 -2.78 3.39
C TYR B 316 8.12 -2.48 2.61
N GLU B 317 6.99 -2.84 3.21
CA GLU B 317 5.68 -2.69 2.60
C GLU B 317 4.61 -2.70 3.67
N ILE B 318 3.74 -1.68 3.65
CA ILE B 318 2.57 -1.64 4.51
C ILE B 318 1.36 -1.91 3.61
N GLY B 319 0.69 -3.02 3.85
CA GLY B 319 -0.36 -3.43 2.93
C GLY B 319 -1.49 -4.23 3.55
N ARG B 320 -2.42 -4.66 2.70
CA ARG B 320 -3.61 -5.38 3.13
C ARG B 320 -3.44 -6.87 2.85
N GLN B 321 -3.66 -7.69 3.88
CA GLN B 321 -3.64 -9.14 3.77
C GLN B 321 -5.04 -9.67 4.02
N PHE B 322 -5.36 -10.77 3.35
CA PHE B 322 -6.70 -11.34 3.35
C PHE B 322 -6.67 -12.73 3.97
N ARG B 323 -7.68 -13.02 4.79
CA ARG B 323 -7.79 -14.31 5.47
C ARG B 323 -9.24 -14.79 5.44
N ASN B 324 -9.43 -16.03 5.02
CA ASN B 324 -10.77 -16.61 4.91
C ASN B 324 -11.15 -17.36 6.17
N GLU B 325 -11.08 -16.69 7.32
CA GLU B 325 -11.47 -17.26 8.59
C GLU B 325 -12.74 -16.56 9.10
N GLY B 326 -13.14 -16.91 10.32
CA GLY B 326 -14.35 -16.33 10.87
C GLY B 326 -14.20 -14.86 11.22
N ILE B 327 -15.33 -14.18 11.28
CA ILE B 327 -15.39 -12.76 11.63
C ILE B 327 -15.85 -12.64 13.07
N ASP B 328 -15.05 -11.96 13.90
CA ASP B 328 -15.37 -11.80 15.30
C ASP B 328 -14.98 -10.39 15.72
N LEU B 329 -14.92 -10.16 17.03
CA LEU B 329 -14.56 -8.86 17.57
C LEU B 329 -13.07 -8.60 17.58
N THR B 330 -12.26 -9.52 17.04
CA THR B 330 -10.83 -9.34 16.98
C THR B 330 -10.23 -9.70 15.62
N HIS B 331 -11.00 -10.33 14.72
CA HIS B 331 -10.50 -10.77 13.43
C HIS B 331 -11.35 -10.17 12.32
N ASN B 332 -10.68 -9.74 11.25
CA ASN B 332 -11.34 -9.19 10.07
C ASN B 332 -10.82 -9.89 8.82
N PRO B 333 -11.64 -10.01 7.79
CA PRO B 333 -11.16 -10.66 6.55
C PRO B 333 -9.96 -9.97 5.94
N GLU B 334 -9.90 -8.65 5.98
CA GLU B 334 -8.77 -7.90 5.44
C GLU B 334 -8.18 -7.02 6.53
N PHE B 335 -6.86 -7.07 6.67
CA PHE B 335 -6.19 -6.34 7.74
C PHE B 335 -4.85 -5.80 7.25
N THR B 336 -4.40 -4.73 7.86
CA THR B 336 -3.19 -4.03 7.44
C THR B 336 -1.99 -4.50 8.27
N THR B 337 -0.91 -4.84 7.58
CA THR B 337 0.32 -5.27 8.22
C THR B 337 1.51 -4.56 7.58
N CYS B 338 2.57 -4.40 8.37
CA CYS B 338 3.83 -3.86 7.89
C CYS B 338 4.88 -4.96 7.90
N GLU B 339 5.55 -5.18 6.77
CA GLU B 339 6.64 -6.18 6.74
C GLU B 339 7.92 -5.56 6.15
N PHE B 340 8.98 -5.40 6.97
CA PHE B 340 10.27 -4.90 6.43
C PHE B 340 11.27 -6.05 6.38
N TYR B 341 12.23 -5.99 5.46
CA TYR B 341 13.24 -7.07 5.32
C TYR B 341 14.64 -6.45 5.23
N MET B 342 15.53 -6.82 6.17
CA MET B 342 16.87 -6.27 6.20
C MET B 342 17.85 -7.34 5.76
N ALA B 343 18.91 -6.91 5.07
CA ALA B 343 19.99 -7.80 4.68
C ALA B 343 21.17 -7.65 5.64
N TYR B 344 21.94 -8.72 5.76
CA TYR B 344 23.10 -8.77 6.65
C TYR B 344 22.69 -8.48 8.09
N ALA B 345 21.53 -8.97 8.49
CA ALA B 345 20.99 -8.79 9.84
C ALA B 345 20.52 -10.13 10.36
N ASP B 346 20.29 -10.18 11.66
CA ASP B 346 19.71 -11.35 12.31
C ASP B 346 18.63 -10.88 13.26
N TYR B 347 17.92 -11.83 13.87
CA TYR B 347 16.81 -11.46 14.74
C TYR B 347 17.28 -10.72 15.97
N HIS B 348 18.56 -10.85 16.34
CA HIS B 348 19.09 -10.09 17.46
C HIS B 348 19.20 -8.60 17.16
N ASP B 349 19.27 -8.21 15.89
CA ASP B 349 19.27 -6.81 15.49
C ASP B 349 17.84 -6.27 15.37
N LEU B 350 16.96 -7.08 14.78
CA LEU B 350 15.55 -6.71 14.74
C LEU B 350 14.95 -6.58 16.11
N MET B 351 15.44 -7.33 17.10
CA MET B 351 14.95 -7.22 18.46
C MET B 351 15.27 -5.87 19.09
N GLU B 352 16.38 -5.26 18.72
CA GLU B 352 16.70 -3.89 19.13
C GLU B 352 15.95 -2.84 18.32
N ILE B 353 15.85 -3.04 17.00
CA ILE B 353 15.14 -2.08 16.17
C ILE B 353 13.65 -2.02 16.55
N THR B 354 13.04 -3.17 16.84
CA THR B 354 11.65 -3.20 17.25
C THR B 354 11.45 -2.48 18.58
N GLU B 355 12.34 -2.72 19.54
CA GLU B 355 12.29 -2.00 20.81
C GLU B 355 12.32 -0.50 20.55
N LYS B 356 13.30 -0.04 19.78
CA LYS B 356 13.45 1.39 19.52
C LYS B 356 12.20 1.97 18.87
N MET B 357 11.70 1.31 17.83
CA MET B 357 10.61 1.91 17.07
C MET B 357 9.29 1.85 17.82
N VAL B 358 9.01 0.75 18.53
CA VAL B 358 7.77 0.66 19.29
C VAL B 358 7.76 1.67 20.42
N SER B 359 8.86 1.75 21.19
CA SER B 359 8.92 2.72 22.26
C SER B 359 8.83 4.15 21.73
N GLY B 360 9.51 4.43 20.62
CA GLY B 360 9.45 5.76 20.04
C GLY B 360 8.06 6.12 19.56
N MET B 361 7.37 5.18 18.91
CA MET B 361 6.02 5.43 18.46
C MET B 361 5.08 5.71 19.63
N VAL B 362 5.20 4.91 20.69
CA VAL B 362 4.34 5.13 21.86
C VAL B 362 4.61 6.49 22.47
N LYS B 363 5.89 6.86 22.61
CA LYS B 363 6.23 8.15 23.20
C LYS B 363 5.79 9.30 22.31
N HIS B 364 5.89 9.14 21.00
CA HIS B 364 5.56 10.22 20.07
C HIS B 364 4.06 10.42 19.93
N ILE B 365 3.27 9.37 20.07
CA ILE B 365 1.82 9.50 19.92
C ILE B 365 1.14 9.76 21.26
N THR B 366 1.40 8.92 22.25
CA THR B 366 0.74 9.10 23.55
C THR B 366 1.32 10.27 24.32
N GLY B 367 2.58 10.63 24.06
CA GLY B 367 3.26 11.64 24.84
C GLY B 367 4.03 11.12 26.02
N SER B 368 3.91 9.83 26.33
CA SER B 368 4.63 9.23 27.44
C SER B 368 4.91 7.77 27.10
N TYR B 369 5.63 7.09 27.98
CA TYR B 369 5.93 5.67 27.79
C TYR B 369 4.89 4.76 28.42
N LYS B 370 4.15 5.24 29.41
CA LYS B 370 3.16 4.44 30.11
C LYS B 370 1.78 4.71 29.54
N VAL B 371 1.06 3.65 29.19
CA VAL B 371 -0.30 3.76 28.69
C VAL B 371 -1.21 2.94 29.60
N THR B 372 -2.50 3.24 29.53
CA THR B 372 -3.52 2.53 30.29
C THR B 372 -4.48 1.85 29.32
N TYR B 373 -4.67 0.55 29.50
CA TYR B 373 -5.51 -0.25 28.62
C TYR B 373 -6.63 -0.89 29.42
N HIS B 374 -7.83 -0.91 28.85
CA HIS B 374 -8.99 -1.55 29.45
C HIS B 374 -9.41 -2.71 28.58
N PRO B 375 -8.99 -3.94 28.90
CA PRO B 375 -9.31 -5.08 28.02
C PRO B 375 -10.79 -5.41 27.95
N ASP B 376 -11.59 -4.97 28.91
CA ASP B 376 -13.02 -5.30 28.95
C ASP B 376 -13.86 -4.05 29.19
N GLY B 377 -13.55 -2.99 28.46
CA GLY B 377 -14.31 -1.77 28.55
C GLY B 377 -13.87 -0.87 29.68
N PRO B 378 -14.34 0.37 29.67
CA PRO B 378 -13.93 1.32 30.72
C PRO B 378 -14.37 0.93 32.11
N GLU B 379 -15.38 0.07 32.24
CA GLU B 379 -15.85 -0.35 33.54
C GLU B 379 -15.05 -1.52 34.13
N GLY B 380 -14.14 -2.10 33.35
CA GLY B 380 -13.34 -3.21 33.80
C GLY B 380 -12.03 -2.77 34.45
N GLN B 381 -11.15 -3.74 34.62
CA GLN B 381 -9.85 -3.47 35.22
C GLN B 381 -8.97 -2.68 34.25
N ALA B 382 -8.13 -1.82 34.81
CA ALA B 382 -7.20 -1.01 34.04
C ALA B 382 -5.79 -1.54 34.21
N TYR B 383 -5.09 -1.73 33.09
CA TYR B 383 -3.74 -2.26 33.08
C TYR B 383 -2.77 -1.18 32.63
N ASP B 384 -1.72 -0.97 33.42
CA ASP B 384 -0.69 0.02 33.12
C ASP B 384 0.44 -0.68 32.37
N VAL B 385 0.56 -0.38 31.08
CA VAL B 385 1.59 -0.96 30.22
C VAL B 385 2.72 0.03 30.09
N ASP B 386 3.94 -0.39 30.44
CA ASP B 386 5.12 0.50 30.29
C ASP B 386 5.86 0.15 29.00
N PHE B 387 6.21 1.15 28.19
CA PHE B 387 6.88 0.91 26.89
C PHE B 387 8.31 1.42 26.94
N THR B 388 8.98 1.26 28.10
CA THR B 388 10.40 1.66 28.19
C THR B 388 11.15 0.96 27.08
N PRO B 389 11.98 1.66 26.29
CA PRO B 389 12.63 1.05 25.13
C PRO B 389 13.07 -0.42 25.33
N PRO B 390 13.87 -0.80 26.35
CA PRO B 390 14.21 -2.20 26.55
C PRO B 390 12.97 -3.01 26.89
N PHE B 391 12.70 -4.06 26.11
CA PHE B 391 11.51 -4.92 26.35
C PHE B 391 11.97 -6.24 26.98
N ARG B 392 11.16 -6.81 27.88
CA ARG B 392 11.51 -8.08 28.55
C ARG B 392 11.72 -9.18 27.49
N ARG B 393 12.59 -10.16 27.78
CA ARG B 393 12.86 -11.27 26.83
C ARG B 393 12.74 -12.61 27.57
N ILE B 394 12.04 -13.58 26.97
CA ILE B 394 11.91 -14.93 27.59
C ILE B 394 12.07 -16.01 26.51
N ASN B 395 12.34 -17.26 26.92
CA ASN B 395 12.47 -18.36 25.98
C ASN B 395 11.26 -19.28 26.09
N MET B 396 10.77 -19.75 24.94
CA MET B 396 9.59 -20.60 24.95
C MET B 396 9.80 -21.88 25.76
N VAL B 397 10.85 -22.62 25.46
CA VAL B 397 11.02 -23.94 26.07
C VAL B 397 11.30 -23.81 27.57
N GLU B 398 12.22 -22.93 27.94
CA GLU B 398 12.61 -22.82 29.34
C GLU B 398 11.47 -22.28 30.20
N GLU B 399 10.82 -21.21 29.75
CA GLU B 399 9.72 -20.64 30.52
C GLU B 399 8.51 -21.56 30.52
N LEU B 400 8.25 -22.29 29.43
CA LEU B 400 7.18 -23.25 29.41
C LEU B 400 7.44 -24.39 30.39
N GLU B 401 8.69 -24.85 30.47
CA GLU B 401 9.04 -25.86 31.45
C GLU B 401 8.87 -25.34 32.87
N LYS B 402 9.29 -24.10 33.12
CA LYS B 402 9.13 -23.52 34.46
C LYS B 402 7.67 -23.39 34.84
N ALA B 403 6.83 -22.92 33.90
CA ALA B 403 5.41 -22.75 34.19
C ALA B 403 4.73 -24.09 34.41
N LEU B 404 5.06 -25.08 33.58
CA LEU B 404 4.45 -26.40 33.69
C LEU B 404 4.95 -27.19 34.90
N GLY B 405 6.03 -26.73 35.55
CA GLY B 405 6.58 -27.43 36.68
C GLY B 405 7.10 -28.81 36.31
N MET B 406 7.80 -28.90 35.18
CA MET B 406 8.29 -30.16 34.66
C MET B 406 9.32 -29.94 33.57
N LYS B 407 9.84 -31.03 32.99
CA LYS B 407 10.86 -30.95 31.94
C LYS B 407 10.29 -31.58 30.67
N LEU B 408 10.21 -30.79 29.62
CA LEU B 408 9.76 -31.26 28.31
C LEU B 408 10.87 -32.07 27.66
N PRO B 409 10.54 -32.90 26.67
CA PRO B 409 11.58 -33.65 25.95
C PRO B 409 12.58 -32.71 25.27
N GLU B 410 13.74 -33.27 24.97
CA GLU B 410 14.82 -32.47 24.38
C GLU B 410 14.38 -31.90 23.04
N THR B 411 14.84 -30.68 22.77
CA THR B 411 14.41 -29.93 21.59
C THR B 411 14.82 -30.58 20.27
N ASN B 412 15.76 -31.53 20.30
CA ASN B 412 16.14 -32.24 19.09
C ASN B 412 15.21 -33.42 18.78
N LEU B 413 14.26 -33.71 19.65
CA LEU B 413 13.32 -34.81 19.46
C LEU B 413 11.88 -34.30 19.39
N PHE B 414 11.68 -33.15 18.73
CA PHE B 414 10.37 -32.53 18.67
C PHE B 414 9.57 -32.93 17.43
N GLU B 415 10.22 -33.52 16.43
CA GLU B 415 9.54 -33.96 15.20
C GLU B 415 9.17 -35.44 15.25
N THR B 416 9.04 -36.00 16.44
CA THR B 416 8.78 -37.42 16.63
C THR B 416 7.37 -37.62 17.18
N GLU B 417 7.06 -38.88 17.50
CA GLU B 417 5.72 -39.25 17.95
C GLU B 417 5.59 -39.30 19.47
N GLU B 418 6.62 -39.77 20.18
CA GLU B 418 6.53 -39.84 21.63
C GLU B 418 6.44 -38.44 22.24
N THR B 419 7.12 -37.45 21.65
CA THR B 419 6.96 -36.08 22.12
C THR B 419 5.54 -35.58 21.89
N ARG B 420 4.91 -35.98 20.78
CA ARG B 420 3.52 -35.62 20.55
C ARG B 420 2.62 -36.24 21.60
N LYS B 421 2.88 -37.51 21.94
CA LYS B 421 2.09 -38.17 22.97
C LYS B 421 2.25 -37.49 24.32
N ILE B 422 3.49 -37.11 24.66
CA ILE B 422 3.74 -36.40 25.91
C ILE B 422 3.00 -35.07 25.93
N LEU B 423 3.05 -34.33 24.82
CA LEU B 423 2.36 -33.04 24.76
C LEU B 423 0.85 -33.21 24.88
N ASP B 424 0.31 -34.25 24.24
CA ASP B 424 -1.12 -34.54 24.33
C ASP B 424 -1.52 -34.87 25.76
N ASP B 425 -0.71 -35.68 26.44
CA ASP B 425 -0.99 -36.02 27.83
C ASP B 425 -0.93 -34.78 28.72
N ILE B 426 0.04 -33.90 28.47
CA ILE B 426 0.16 -32.69 29.28
C ILE B 426 -1.04 -31.78 29.05
N CYS B 427 -1.46 -31.63 27.78
CA CYS B 427 -2.63 -30.81 27.48
C CYS B 427 -3.88 -31.37 28.14
N VAL B 428 -4.03 -32.69 28.12
CA VAL B 428 -5.20 -33.31 28.77
C VAL B 428 -5.15 -33.08 30.27
N ALA B 429 -3.97 -33.26 30.89
CA ALA B 429 -3.85 -33.09 32.33
C ALA B 429 -4.10 -31.64 32.74
N LYS B 430 -3.59 -30.69 31.96
CA LYS B 430 -3.73 -29.27 32.28
C LYS B 430 -5.00 -28.66 31.71
N ALA B 431 -5.89 -29.48 31.14
CA ALA B 431 -7.20 -29.04 30.65
C ALA B 431 -7.07 -27.99 29.54
N VAL B 432 -5.98 -28.04 28.79
CA VAL B 432 -5.84 -27.18 27.62
C VAL B 432 -6.63 -27.78 26.46
N GLU B 433 -7.39 -26.95 25.78
CA GLU B 433 -8.29 -27.38 24.72
C GLU B 433 -7.62 -27.16 23.36
N CYS B 434 -7.64 -28.20 22.53
CA CYS B 434 -7.10 -28.10 21.17
C CYS B 434 -7.90 -29.00 20.23
N PRO B 435 -8.66 -28.42 19.31
CA PRO B 435 -9.44 -29.23 18.37
C PRO B 435 -8.53 -29.97 17.41
N PRO B 436 -8.99 -31.10 16.86
CA PRO B 436 -8.15 -31.86 15.94
C PRO B 436 -7.87 -31.05 14.69
N PRO B 437 -6.74 -31.30 14.01
CA PRO B 437 -5.72 -32.31 14.34
C PRO B 437 -4.82 -31.89 15.50
N ARG B 438 -4.45 -32.83 16.36
CA ARG B 438 -3.65 -32.52 17.55
C ARG B 438 -2.17 -32.76 17.26
N THR B 439 -1.66 -32.01 16.28
CA THR B 439 -0.26 -32.10 15.93
C THR B 439 0.60 -31.41 16.99
N THR B 440 1.91 -31.63 16.90
CA THR B 440 2.83 -31.08 17.89
C THR B 440 2.83 -29.56 17.85
N ALA B 441 2.80 -28.97 16.67
CA ALA B 441 2.84 -27.51 16.55
C ALA B 441 1.62 -26.87 17.20
N ARG B 442 0.44 -27.42 16.91
CA ARG B 442 -0.79 -26.85 17.48
C ARG B 442 -0.84 -27.05 18.99
N LEU B 443 -0.39 -28.21 19.48
CA LEU B 443 -0.36 -28.44 20.92
C LEU B 443 0.58 -27.45 21.60
N LEU B 444 1.75 -27.22 21.01
CA LEU B 444 2.69 -26.25 21.58
C LEU B 444 2.10 -24.85 21.56
N ASP B 445 1.41 -24.48 20.47
CA ASP B 445 0.80 -23.16 20.40
C ASP B 445 -0.25 -22.99 21.49
N LYS B 446 -1.10 -24.01 21.68
CA LYS B 446 -2.12 -23.92 22.72
C LYS B 446 -1.51 -23.83 24.11
N LEU B 447 -0.47 -24.63 24.36
CA LEU B 447 0.19 -24.59 25.66
C LEU B 447 0.82 -23.22 25.93
N VAL B 448 1.46 -22.65 24.91
CA VAL B 448 2.08 -21.34 25.06
C VAL B 448 1.03 -20.27 25.29
N GLY B 449 -0.05 -20.30 24.52
CA GLY B 449 -1.11 -19.32 24.71
C GLY B 449 -1.75 -19.41 26.08
N GLU B 450 -1.88 -20.64 26.61
CA GLU B 450 -2.52 -20.81 27.90
C GLU B 450 -1.58 -20.51 29.06
N PHE B 451 -0.27 -20.64 28.87
CA PHE B 451 0.67 -20.51 29.97
C PHE B 451 1.66 -19.37 29.84
N LEU B 452 2.09 -19.03 28.63
CA LEU B 452 3.15 -18.05 28.46
C LEU B 452 2.63 -16.64 28.22
N GLU B 453 1.68 -16.48 27.30
CA GLU B 453 1.23 -15.15 26.91
C GLU B 453 0.26 -14.52 27.90
N VAL B 454 -0.20 -15.28 28.91
CA VAL B 454 -1.15 -14.72 29.87
C VAL B 454 -0.46 -13.90 30.95
N THR B 455 0.86 -13.83 30.95
CA THR B 455 1.59 -13.01 31.91
C THR B 455 2.42 -11.92 31.25
N CYS B 456 2.29 -11.75 29.93
CA CYS B 456 3.03 -10.71 29.19
C CYS B 456 2.14 -9.48 29.07
N ILE B 457 2.06 -8.74 30.18
CA ILE B 457 1.32 -7.47 30.16
C ILE B 457 2.16 -6.39 29.49
N ASN B 458 3.31 -6.08 30.07
CA ASN B 458 4.26 -5.20 29.42
C ASN B 458 4.85 -5.90 28.19
N PRO B 459 5.32 -5.14 27.21
CA PRO B 459 5.89 -5.76 26.01
C PRO B 459 7.02 -6.71 26.37
N THR B 460 7.00 -7.89 25.75
CA THR B 460 7.93 -8.95 26.09
C THR B 460 8.27 -9.74 24.83
N PHE B 461 9.50 -10.23 24.76
CA PHE B 461 9.95 -11.03 23.63
C PHE B 461 9.92 -12.50 24.02
N ILE B 462 9.21 -13.31 23.23
CA ILE B 462 9.22 -14.76 23.37
C ILE B 462 9.97 -15.30 22.17
N CYS B 463 11.14 -15.86 22.40
CA CYS B 463 12.06 -16.21 21.32
C CYS B 463 12.41 -17.70 21.36
N ASP B 464 13.20 -18.12 20.37
CA ASP B 464 13.68 -19.49 20.25
C ASP B 464 12.52 -20.48 20.15
N HIS B 465 11.76 -20.35 19.06
CA HIS B 465 10.66 -21.27 18.82
C HIS B 465 11.18 -22.54 18.16
N PRO B 466 10.50 -23.67 18.38
CA PRO B 466 10.86 -24.89 17.65
C PRO B 466 10.56 -24.75 16.16
N GLN B 467 11.33 -25.48 15.35
CA GLN B 467 11.17 -25.38 13.90
C GLN B 467 9.87 -26.00 13.40
N ILE B 468 9.20 -26.83 14.20
CA ILE B 468 7.89 -27.31 13.81
C ILE B 468 6.87 -26.19 13.77
N MET B 469 7.11 -25.10 14.50
CA MET B 469 6.21 -23.95 14.52
C MET B 469 6.62 -22.86 13.55
N SER B 470 7.74 -23.00 12.85
CA SER B 470 8.24 -21.97 11.93
C SER B 470 8.94 -22.66 10.78
N PRO B 471 8.27 -22.85 9.65
CA PRO B 471 8.89 -23.51 8.49
C PRO B 471 9.68 -22.59 7.58
N LEU B 472 9.90 -21.33 7.96
CA LEU B 472 10.64 -20.39 7.13
C LEU B 472 11.76 -19.69 7.90
N ALA B 473 12.00 -20.07 9.15
CA ALA B 473 13.02 -19.44 9.98
C ALA B 473 14.27 -20.29 10.02
N LYS B 474 15.41 -19.62 10.10
CA LYS B 474 16.69 -20.31 10.12
C LYS B 474 16.91 -20.98 11.47
N TRP B 475 17.64 -22.10 11.44
CA TRP B 475 17.89 -22.86 12.65
C TRP B 475 18.78 -22.08 13.61
N HIS B 476 18.58 -22.32 14.90
CA HIS B 476 19.37 -21.64 15.91
C HIS B 476 20.82 -22.09 15.86
N ARG B 477 21.72 -21.17 16.23
CA ARG B 477 23.15 -21.46 16.16
C ARG B 477 23.55 -22.52 17.18
N SER B 478 23.13 -22.36 18.43
CA SER B 478 23.63 -23.20 19.51
C SER B 478 22.65 -24.27 19.97
N LYS B 479 21.35 -24.01 19.88
CA LYS B 479 20.34 -24.96 20.35
C LYS B 479 19.72 -25.68 19.17
N GLU B 480 19.78 -27.01 19.20
CA GLU B 480 19.23 -27.82 18.12
C GLU B 480 17.71 -27.92 18.23
N GLY B 481 17.06 -27.93 17.07
CA GLY B 481 15.61 -28.05 17.01
C GLY B 481 14.86 -26.75 17.16
N LEU B 482 15.54 -25.65 17.48
CA LEU B 482 14.91 -24.35 17.64
C LEU B 482 15.28 -23.46 16.46
N THR B 483 14.50 -22.40 16.29
CA THR B 483 14.73 -21.42 15.23
C THR B 483 15.16 -20.09 15.83
N GLU B 484 15.60 -19.20 14.95
CA GLU B 484 16.05 -17.87 15.33
C GLU B 484 14.90 -16.89 15.06
N ARG B 485 13.94 -16.88 15.97
CA ARG B 485 12.77 -16.01 15.83
C ARG B 485 12.34 -15.50 17.20
N PHE B 486 11.51 -14.47 17.19
CA PHE B 486 10.93 -13.92 18.40
C PHE B 486 9.57 -13.33 18.06
N GLU B 487 8.73 -13.22 19.10
CA GLU B 487 7.43 -12.61 19.00
C GLU B 487 7.29 -11.57 20.10
N LEU B 488 6.73 -10.42 19.76
CA LEU B 488 6.51 -9.34 20.70
C LEU B 488 5.08 -9.42 21.22
N PHE B 489 4.93 -9.55 22.54
CA PHE B 489 3.64 -9.69 23.19
C PHE B 489 3.42 -8.52 24.12
N VAL B 490 2.37 -7.75 23.86
CA VAL B 490 1.95 -6.65 24.73
C VAL B 490 0.48 -6.85 25.02
N MET B 491 0.09 -6.62 26.28
CA MET B 491 -1.29 -6.78 26.71
C MET B 491 -1.81 -8.18 26.39
N LYS B 492 -0.93 -9.18 26.56
CA LYS B 492 -1.24 -10.58 26.32
C LYS B 492 -1.60 -10.87 24.87
N LYS B 493 -1.20 -10.02 23.94
CA LYS B 493 -1.48 -10.22 22.52
C LYS B 493 -0.22 -9.99 21.71
N GLU B 494 -0.07 -10.76 20.65
CA GLU B 494 1.10 -10.66 19.78
C GLU B 494 0.90 -9.54 18.77
N ILE B 495 1.93 -8.72 18.58
CA ILE B 495 1.84 -7.62 17.64
C ILE B 495 2.90 -7.77 16.55
N CYS B 496 4.00 -8.43 16.87
CA CYS B 496 5.15 -8.53 15.98
C CYS B 496 5.59 -9.98 15.84
N ASN B 497 6.28 -10.25 14.74
CA ASN B 497 6.80 -11.59 14.47
C ASN B 497 8.00 -11.42 13.54
N ALA B 498 9.18 -11.86 13.99
CA ALA B 498 10.38 -11.64 13.20
C ALA B 498 11.31 -12.84 13.34
N TYR B 499 12.08 -13.12 12.29
CA TYR B 499 13.06 -14.17 12.35
C TYR B 499 14.15 -13.95 11.32
N THR B 500 15.28 -14.63 11.54
CA THR B 500 16.33 -14.72 10.53
C THR B 500 15.85 -15.63 9.42
N GLU B 501 15.88 -15.12 8.18
CA GLU B 501 15.35 -15.86 7.05
C GLU B 501 16.20 -17.08 6.74
N LEU B 502 15.55 -18.13 6.26
CA LEU B 502 16.23 -19.36 5.87
C LEU B 502 16.69 -19.23 4.42
N ASN B 503 18.01 -19.22 4.22
CA ASN B 503 18.58 -19.03 2.89
C ASN B 503 19.15 -20.31 2.30
N ASP B 504 18.96 -21.45 2.96
CA ASP B 504 19.46 -22.72 2.45
C ASP B 504 18.38 -23.37 1.59
N PRO B 505 18.59 -23.53 0.29
CA PRO B 505 17.54 -24.14 -0.56
C PRO B 505 17.18 -25.56 -0.15
N MET B 506 18.15 -26.37 0.28
CA MET B 506 17.86 -27.76 0.58
C MET B 506 17.01 -27.89 1.84
N ARG B 507 17.38 -27.18 2.90
CA ARG B 507 16.59 -27.24 4.13
C ARG B 507 15.22 -26.62 3.93
N GLN B 508 15.14 -25.55 3.14
CA GLN B 508 13.85 -24.95 2.84
C GLN B 508 12.96 -25.92 2.06
N ARG B 509 13.54 -26.64 1.12
CA ARG B 509 12.77 -27.65 0.38
C ARG B 509 12.32 -28.77 1.31
N GLN B 510 13.17 -29.20 2.23
CA GLN B 510 12.76 -30.24 3.17
C GLN B 510 11.59 -29.76 4.02
N LEU B 511 11.66 -28.52 4.49
CA LEU B 511 10.58 -27.96 5.34
C LEU B 511 9.29 -27.88 4.52
N PHE B 512 9.38 -27.32 3.30
CA PHE B 512 8.18 -27.22 2.42
C PHE B 512 7.60 -28.62 2.20
N GLU B 513 8.48 -29.60 1.96
CA GLU B 513 8.03 -31.00 1.74
C GLU B 513 7.23 -31.47 2.98
N GLU B 514 7.76 -31.19 4.18
CA GLU B 514 7.07 -31.68 5.40
C GLU B 514 5.67 -31.06 5.47
N GLN B 515 5.55 -29.79 5.13
CA GLN B 515 4.24 -29.12 5.26
C GLN B 515 3.27 -29.84 4.32
N ALA B 516 3.70 -30.15 3.11
CA ALA B 516 2.82 -30.83 2.11
C ALA B 516 2.36 -32.16 2.68
N LYS B 517 3.26 -32.90 3.31
CA LYS B 517 2.82 -34.16 3.93
C LYS B 517 1.59 -33.87 4.78
N ALA B 518 1.69 -32.91 5.69
CA ALA B 518 0.55 -32.64 6.59
C ALA B 518 -0.66 -32.19 5.77
N LYS B 519 -0.51 -31.17 4.93
CA LYS B 519 -1.69 -30.65 4.21
C LYS B 519 -2.41 -31.85 3.65
N ALA B 520 -1.65 -32.77 3.04
CA ALA B 520 -2.26 -33.97 2.41
C ALA B 520 -3.28 -34.60 3.37
N ALA B 521 -2.88 -34.85 4.61
CA ALA B 521 -3.78 -35.49 5.60
C ALA B 521 -4.19 -34.48 6.67
N GLY B 522 -5.32 -33.78 6.45
CA GLY B 522 -5.80 -32.78 7.43
C GLY B 522 -4.89 -31.56 7.45
N ASP B 523 -4.99 -30.75 8.51
CA ASP B 523 -4.11 -29.55 8.65
C ASP B 523 -4.05 -28.83 7.29
N ASP B 524 -5.20 -28.44 6.75
CA ASP B 524 -5.24 -27.75 5.43
C ASP B 524 -4.52 -26.40 5.55
N GLU B 525 -4.47 -25.84 6.75
CA GLU B 525 -3.81 -24.52 6.97
C GLU B 525 -2.32 -24.61 6.62
N ALA B 526 -1.79 -25.85 6.51
CA ALA B 526 -0.35 -26.05 6.20
C ALA B 526 0.06 -25.18 5.01
N MET B 527 1.29 -24.66 5.04
CA MET B 527 1.79 -23.78 3.96
C MET B 527 1.85 -24.56 2.64
N PHE B 528 1.68 -23.87 1.50
CA PHE B 528 1.71 -24.52 0.17
C PHE B 528 3.16 -24.61 -0.32
N ILE B 529 3.38 -25.36 -1.40
CA ILE B 529 4.76 -25.52 -1.96
C ILE B 529 4.95 -24.52 -3.11
N ASP B 530 6.14 -23.91 -3.21
CA ASP B 530 6.42 -22.96 -4.27
C ASP B 530 7.75 -23.32 -4.92
N GLU B 531 7.74 -23.59 -6.22
CA GLU B 531 8.96 -23.86 -6.94
C GLU B 531 9.75 -22.58 -7.23
N ASN B 532 9.04 -21.48 -7.50
CA ASN B 532 9.70 -20.23 -7.85
C ASN B 532 10.53 -19.70 -6.70
N PHE B 533 10.01 -19.77 -5.48
CA PHE B 533 10.76 -19.28 -4.33
C PHE B 533 12.02 -20.11 -4.09
N CYS B 534 11.92 -21.43 -4.23
CA CYS B 534 13.10 -22.27 -4.06
C CYS B 534 14.11 -22.01 -5.16
N THR B 535 13.65 -21.81 -6.39
CA THR B 535 14.56 -21.48 -7.48
C THR B 535 15.27 -20.16 -7.20
N ALA B 536 14.55 -19.17 -6.69
CA ALA B 536 15.17 -17.90 -6.33
C ALA B 536 16.19 -18.09 -5.22
N LEU B 537 15.86 -18.91 -4.22
CA LEU B 537 16.81 -19.20 -3.15
C LEU B 537 18.07 -19.86 -3.68
N GLU B 538 17.94 -20.66 -4.74
CA GLU B 538 19.10 -21.30 -5.36
C GLU B 538 20.05 -20.29 -6.00
N TYR B 539 19.64 -19.04 -6.18
CA TYR B 539 20.50 -18.01 -6.75
C TYR B 539 21.29 -17.24 -5.71
N GLY B 540 21.10 -17.53 -4.43
CA GLY B 540 21.88 -16.90 -3.38
C GLY B 540 21.14 -15.79 -2.65
N LEU B 541 20.62 -16.10 -1.46
CA LEU B 541 20.00 -15.10 -0.61
C LEU B 541 20.95 -14.76 0.52
N PRO B 542 21.33 -13.50 0.69
CA PRO B 542 22.27 -13.13 1.76
C PRO B 542 21.68 -13.44 3.11
N PRO B 543 22.50 -13.44 4.17
CA PRO B 543 21.94 -13.54 5.52
C PRO B 543 21.00 -12.38 5.79
N THR B 544 19.71 -12.66 5.96
CA THR B 544 18.71 -11.62 6.08
C THR B 544 17.81 -11.88 7.28
N ALA B 545 17.14 -10.83 7.72
CA ALA B 545 16.17 -10.92 8.79
C ALA B 545 14.88 -10.23 8.36
N GLY B 546 13.75 -10.88 8.66
CA GLY B 546 12.46 -10.33 8.32
C GLY B 546 11.64 -10.08 9.57
N TRP B 547 10.75 -9.09 9.46
CA TRP B 547 9.96 -8.64 10.57
C TRP B 547 8.59 -8.21 10.06
N GLY B 548 7.56 -8.51 10.84
CA GLY B 548 6.22 -8.17 10.45
C GLY B 548 5.34 -7.84 11.63
N MET B 549 4.65 -6.70 11.57
CA MET B 549 3.77 -6.23 12.63
C MET B 549 2.37 -6.11 12.09
N GLY B 550 1.40 -6.61 12.84
CA GLY B 550 0.02 -6.42 12.46
C GLY B 550 -0.51 -5.08 12.94
N ILE B 551 -0.68 -4.12 12.03
CA ILE B 551 -1.14 -2.81 12.48
C ILE B 551 -2.66 -2.80 12.50
N ASP B 552 -3.23 -3.50 13.47
CA ASP B 552 -4.60 -3.28 13.90
C ASP B 552 -4.61 -3.29 15.41
N ARG B 553 -3.79 -4.18 15.99
CA ARG B 553 -3.69 -4.31 17.43
C ARG B 553 -2.93 -3.16 18.05
N VAL B 554 -1.92 -2.63 17.34
CA VAL B 554 -1.22 -1.45 17.83
C VAL B 554 -2.19 -0.28 17.95
N ALA B 555 -3.06 -0.11 16.97
CA ALA B 555 -4.09 0.92 17.05
C ALA B 555 -5.04 0.67 18.21
N MET B 556 -5.44 -0.59 18.41
CA MET B 556 -6.34 -0.90 19.52
C MET B 556 -5.71 -0.56 20.86
N PHE B 557 -4.43 -0.89 21.04
CA PHE B 557 -3.78 -0.62 22.31
C PHE B 557 -3.52 0.87 22.51
N LEU B 558 -3.16 1.57 21.43
CA LEU B 558 -2.86 3.00 21.54
C LEU B 558 -4.13 3.84 21.66
N THR B 559 -5.23 3.42 21.06
CA THR B 559 -6.48 4.15 21.16
C THR B 559 -7.39 3.64 22.28
N ASP B 560 -6.94 2.64 23.04
CA ASP B 560 -7.69 2.08 24.17
C ASP B 560 -9.06 1.57 23.71
N SER B 561 -9.03 0.60 22.80
CA SER B 561 -10.25 -0.01 22.28
C SER B 561 -10.05 -1.52 22.23
N ASN B 562 -10.91 -2.25 22.91
CA ASN B 562 -10.83 -3.72 22.93
C ASN B 562 -11.69 -4.34 21.84
N ASN B 563 -11.50 -3.84 20.61
CA ASN B 563 -12.29 -4.28 19.47
C ASN B 563 -11.65 -3.80 18.18
N ILE B 564 -11.47 -4.71 17.22
CA ILE B 564 -10.88 -4.30 15.95
C ILE B 564 -11.82 -3.38 15.20
N LYS B 565 -13.14 -3.60 15.32
CA LYS B 565 -14.12 -2.77 14.63
C LYS B 565 -14.03 -1.31 15.04
N GLU B 566 -13.48 -1.02 16.22
CA GLU B 566 -13.33 0.37 16.64
C GLU B 566 -12.28 1.09 15.81
N VAL B 567 -11.22 0.39 15.40
CA VAL B 567 -10.12 1.00 14.66
C VAL B 567 -10.20 0.73 13.18
N LEU B 568 -11.36 0.28 12.69
CA LEU B 568 -11.59 0.05 11.28
C LEU B 568 -12.66 1.01 10.80
N LEU B 569 -12.41 1.67 9.66
CA LEU B 569 -13.36 2.65 9.15
C LEU B 569 -14.70 2.01 8.82
N PHE B 570 -14.67 0.94 8.03
CA PHE B 570 -15.87 0.20 7.66
C PHE B 570 -15.60 -1.28 7.88
N PRO B 571 -15.70 -1.74 9.13
CA PRO B 571 -15.43 -3.15 9.41
C PRO B 571 -16.48 -4.06 8.79
N ALA B 572 -16.06 -5.26 8.45
CA ALA B 572 -16.98 -6.25 7.89
C ALA B 572 -17.95 -6.71 8.97
N MET B 573 -19.24 -6.70 8.64
CA MET B 573 -20.29 -7.05 9.58
C MET B 573 -21.16 -8.15 8.98
N LYS B 574 -21.73 -8.97 9.86
CA LYS B 574 -22.65 -10.00 9.41
C LYS B 574 -23.91 -9.35 8.84
N PRO B 575 -24.37 -9.78 7.67
CA PRO B 575 -25.57 -9.17 7.09
C PRO B 575 -26.78 -9.35 8.00
N GLU B 576 -27.64 -8.34 8.02
CA GLU B 576 -28.81 -8.31 8.88
C GLU B 576 -30.07 -8.52 8.07
N ASP B 577 -31.07 -9.12 8.71
CA ASP B 577 -32.35 -9.40 8.05
C ASP B 577 -33.29 -8.21 8.17
P 2MG C 10 20.28 -25.03 -21.29
OP1 2MG C 10 20.79 -26.34 -20.74
OP2 2MG C 10 18.88 -25.11 -21.84
O5' 2MG C 10 20.22 -24.00 -20.05
C5' 2MG C 10 19.84 -22.62 -20.32
C4' 2MG C 10 20.28 -21.76 -19.16
O4' 2MG C 10 21.44 -22.36 -18.53
C3' 2MG C 10 20.70 -20.33 -19.52
O3' 2MG C 10 19.63 -19.43 -19.27
C2' 2MG C 10 21.92 -20.08 -18.64
O2' 2MG C 10 21.58 -19.54 -17.38
C1' 2MG C 10 22.52 -21.47 -18.50
N9 2MG C 10 23.44 -21.84 -19.57
C8 2MG C 10 23.47 -23.05 -20.22
N7 2MG C 10 24.38 -23.13 -21.15
C5 2MG C 10 24.99 -21.88 -21.11
C6 2MG C 10 26.07 -21.38 -21.90
O6 2MG C 10 26.69 -21.95 -22.80
N1 2MG C 10 26.39 -20.07 -21.54
C2 2MG C 10 25.76 -19.35 -20.55
N2 2MG C 10 26.19 -18.10 -20.33
CM2 2MG C 10 25.78 -17.36 -19.15
N3 2MG C 10 24.77 -19.82 -19.82
C4 2MG C 10 24.42 -21.08 -20.15
P H2U C 16 19.00 -22.17 -43.02
OP1 H2U C 16 17.93 -22.09 -41.96
OP2 H2U C 16 19.14 -23.54 -43.65
O5' H2U C 16 18.59 -21.14 -44.19
C5' H2U C 16 19.61 -20.33 -44.80
C4' H2U C 16 19.63 -20.56 -46.29
O4' H2U C 16 20.98 -20.88 -46.70
C3' H2U C 16 18.74 -21.70 -46.80
O3' H2U C 16 18.17 -21.36 -48.05
C1' H2U C 16 21.04 -22.17 -47.27
C2' H2U C 16 19.72 -22.86 -46.90
O2' H2U C 16 19.34 -23.80 -47.90
N1 H2U C 16 22.23 -22.89 -46.73
C2 H2U C 16 22.67 -22.65 -45.47
O2 H2U C 16 21.90 -22.40 -44.55
N3 H2U C 16 24.00 -22.69 -45.29
C4 H2U C 16 24.79 -23.49 -46.07
O4 H2U C 16 26.01 -23.35 -46.09
C5 H2U C 16 24.07 -24.51 -46.90
C6 H2U C 16 22.90 -23.84 -47.62
P H2U C 20 23.48 -32.47 -42.45
OP1 H2U C 20 22.50 -31.35 -42.12
OP2 H2U C 20 24.90 -31.99 -42.67
O5' H2U C 20 23.50 -33.48 -41.21
C5' H2U C 20 22.33 -34.25 -40.92
C4' H2U C 20 22.59 -35.08 -39.68
O4' H2U C 20 23.77 -35.88 -39.92
C3' H2U C 20 22.85 -34.28 -38.41
O3' H2U C 20 21.63 -34.15 -37.68
C1' H2U C 20 24.54 -36.02 -38.74
C2' H2U C 20 23.91 -35.11 -37.68
O2' H2U C 20 23.37 -35.89 -36.63
N1 H2U C 20 25.95 -35.63 -39.05
C2 H2U C 20 26.95 -36.22 -38.40
O2 H2U C 20 26.80 -36.68 -37.26
N3 H2U C 20 28.12 -36.33 -39.05
C4 H2U C 20 28.40 -35.74 -40.26
O4 H2U C 20 29.55 -35.58 -40.63
C5 H2U C 20 27.22 -35.26 -41.06
C6 H2U C 20 26.22 -34.66 -40.10
N1 PSU C 27 33.18 -21.83 -19.00
C2 PSU C 27 33.72 -22.69 -19.91
N3 PSU C 27 33.24 -23.97 -19.88
C4 PSU C 27 32.27 -24.41 -19.01
C5 PSU C 27 31.76 -23.50 -18.08
C6 PSU C 27 32.23 -22.20 -18.11
O2 PSU C 27 34.57 -22.35 -20.72
O4 PSU C 27 31.91 -25.60 -19.08
C1' PSU C 27 30.70 -23.93 -17.10
C2' PSU C 27 31.24 -24.65 -15.86
O2' PSU C 27 30.30 -25.57 -15.37
C3' PSU C 27 31.49 -23.47 -14.91
C4' PSU C 27 30.20 -22.68 -15.16
O3' PSU C 27 31.59 -23.92 -13.57
O4' PSU C 27 30.00 -22.77 -16.58
C5' PSU C 27 30.23 -21.23 -14.74
O5' PSU C 27 31.40 -20.60 -15.29
P PSU C 27 31.64 -19.02 -15.03
OP1 PSU C 27 31.50 -18.80 -13.55
OP2 PSU C 27 33.00 -18.69 -15.58
N1 70U C 34 48.45 -5.13 -10.05
C2 70U C 34 48.25 -3.86 -9.60
S2 70U C 34 47.53 -2.74 -10.58
N3 70U C 34 48.67 -3.54 -8.35
C4 70U C 34 49.27 -4.49 -7.54
O4 70U C 34 49.87 -4.09 -6.54
C5 70U C 34 49.14 -5.81 -7.90
C6 70U C 34 48.74 -6.13 -9.17
C5M 70U C 34 49.44 -6.91 -6.90
C8 70U C 34 50.85 -7.44 -6.94
O8 70U C 34 51.28 -8.29 -6.21
O9 70U C 34 51.57 -6.84 -7.88
C9 70U C 34 52.93 -7.31 -8.03
C1' 70U C 34 48.40 -5.34 -11.51
O2' 70U C 34 50.23 -4.01 -12.41
C2' 70U C 34 49.79 -5.33 -12.13
O3' 70U C 34 49.01 -5.37 -14.40
C3' 70U C 34 49.58 -6.18 -13.38
C4' 70U C 34 48.63 -7.26 -12.84
O4' 70U C 34 47.88 -6.62 -11.78
C5' 70U C 34 49.30 -8.48 -12.28
O5' 70U C 34 50.53 -8.70 -12.99
P 70U C 34 51.77 -9.37 -12.20
OP1 70U C 34 52.82 -9.70 -13.22
OP2 70U C 34 52.20 -8.36 -11.16
P 12A C 37 36.21 -3.98 -19.03
OP1 12A C 37 36.78 -3.53 -20.36
OP2 12A C 37 35.86 -2.84 -18.09
O5' 12A C 37 34.82 -4.74 -19.35
C5' 12A C 37 34.06 -5.32 -18.27
C4' 12A C 37 33.89 -6.80 -18.49
O4' 12A C 37 33.36 -7.04 -19.81
C3' 12A C 37 35.19 -7.64 -18.43
O3' 12A C 37 34.87 -8.98 -18.05
C2' 12A C 37 35.66 -7.57 -19.88
O2' 12A C 37 36.55 -8.59 -20.25
C1' 12A C 37 34.31 -7.74 -20.59
N9 12A C 37 34.26 -7.23 -21.95
C8 12A C 37 34.72 -6.04 -22.43
N7 12A C 37 34.49 -5.87 -23.71
C5 12A C 37 33.82 -7.03 -24.10
C6 12A C 37 33.30 -7.47 -25.33
N6 12A C 37 33.39 -6.73 -26.52
N1 12A C 37 32.71 -8.67 -25.37
C2 12A C 37 32.61 -9.40 -24.24
N3 12A C 37 33.07 -9.07 -23.04
C4 12A C 37 33.66 -7.86 -23.01
S2 12A C 37 31.84 -10.99 -24.25
C2M 12A C 37 31.77 -11.53 -22.54
CC 12A C 37 32.93 -7.10 -27.75
OO 12A C 37 32.87 -6.33 -28.71
N 12A C 37 32.54 -8.39 -27.82
CA 12A C 37 31.82 -8.96 -28.95
C 12A C 37 30.45 -9.49 -28.50
O 12A C 37 29.62 -9.74 -29.39
OXT 12A C 37 30.26 -9.64 -27.28
CB 12A C 37 32.65 -10.09 -29.58
OG1 12A C 37 31.90 -10.69 -30.63
CG2 12A C 37 33.06 -11.15 -28.57
N1 PSU C 39 42.09 -14.78 -19.25
C2 PSU C 39 42.82 -15.77 -18.63
N3 PSU C 39 44.11 -15.90 -19.06
C4 PSU C 39 44.69 -15.14 -20.04
C5 PSU C 39 43.90 -14.16 -20.66
C6 PSU C 39 42.59 -14.00 -20.23
O2 PSU C 39 42.35 -16.46 -17.74
O4 PSU C 39 45.87 -15.36 -20.35
C1' PSU C 39 44.48 -13.27 -21.73
C2' PSU C 39 44.58 -13.91 -23.12
O2' PSU C 39 45.67 -13.37 -23.83
C3' PSU C 39 43.23 -13.56 -23.73
C4' PSU C 39 43.08 -12.12 -23.25
O3' PSU C 39 43.30 -13.62 -25.15
O4' PSU C 39 43.66 -12.11 -21.91
C5' PSU C 39 41.67 -11.58 -23.20
O5' PSU C 39 40.87 -12.44 -22.35
P PSU C 39 39.34 -12.02 -22.05
OP1 PSU C 39 38.75 -11.59 -23.38
OP2 PSU C 39 38.67 -13.23 -21.45
P 7MG C 46 22.61 -32.21 -23.74
OP1 7MG C 46 21.85 -32.75 -22.53
OP2 7MG C 46 22.76 -33.20 -24.87
O5' 7MG C 46 21.74 -30.98 -24.31
C5' 7MG C 46 21.22 -30.00 -23.38
C4' 7MG C 46 20.26 -29.08 -24.10
O4' 7MG C 46 20.98 -28.38 -25.14
C3' 7MG C 46 19.07 -29.75 -24.79
O3' 7MG C 46 17.89 -28.98 -24.63
C2' 7MG C 46 19.51 -29.87 -26.23
O2' 7MG C 46 18.42 -29.78 -27.14
C1' 7MG C 46 20.34 -28.60 -26.39
N9 7MG C 46 21.36 -28.72 -27.43
C8 7MG C 46 22.00 -29.98 -27.80
N7 7MG C 46 22.89 -29.57 -28.88
C5 7MG C 46 22.76 -28.19 -29.10
C6 7MG C 46 23.41 -27.36 -30.02
O6 7MG C 46 24.25 -27.66 -30.86
N1 7MG C 46 22.97 -26.04 -29.88
C2 7MG C 46 22.03 -25.60 -28.98
N2 7MG C 46 21.74 -24.30 -29.01
N3 7MG C 46 21.43 -26.40 -28.12
C4 7MG C 46 21.83 -27.68 -28.20
CM7 7MG C 46 23.76 -30.48 -29.59
P H2U C 47 16.79 -29.31 -23.50
OP1 H2U C 47 15.82 -28.16 -23.40
OP2 H2U C 47 17.38 -29.74 -22.18
O5' H2U C 47 15.96 -30.57 -24.07
C5' H2U C 47 15.23 -30.42 -25.32
C4' H2U C 47 15.11 -31.78 -25.96
O4' H2U C 47 14.40 -32.66 -25.06
C3' H2U C 47 14.32 -31.83 -27.27
O3' H2U C 47 15.20 -31.67 -28.38
C1' H2U C 47 13.88 -33.75 -25.80
C2' H2U C 47 13.67 -33.22 -27.23
O2' H2U C 47 14.22 -34.12 -28.16
N1 H2U C 47 12.62 -34.20 -25.16
C2 H2U C 47 12.72 -35.10 -24.18
O2 H2U C 47 13.68 -35.87 -24.13
N3 H2U C 47 11.74 -35.12 -23.26
C4 H2U C 47 10.54 -34.50 -23.48
O4 H2U C 47 9.85 -34.13 -22.55
C5 H2U C 47 10.18 -34.28 -24.91
C6 H2U C 47 11.35 -33.62 -25.63
P 5MC C 48 14.65 -31.26 -29.85
OP1 5MC C 48 13.14 -31.26 -29.99
OP2 5MC C 48 15.37 -32.04 -30.93
O5' 5MC C 48 15.13 -29.73 -30.00
C5' 5MC C 48 14.84 -28.79 -28.93
C4' 5MC C 48 15.01 -27.39 -29.46
O4' 5MC C 48 16.24 -27.32 -30.24
C3' 5MC C 48 13.89 -26.87 -30.37
O3' 5MC C 48 13.37 -25.65 -29.88
C2' 5MC C 48 14.52 -26.76 -31.77
O2' 5MC C 48 14.16 -25.57 -32.44
C1' 5MC C 48 16.02 -26.70 -31.48
N1 5MC C 48 16.81 -27.43 -32.50
C2 5MC C 48 17.36 -26.70 -33.57
O2 5MC C 48 17.17 -25.47 -33.61
N3 5MC C 48 18.08 -27.37 -34.50
C4 5MC C 48 18.25 -28.69 -34.42
N4 5MC C 48 18.98 -29.29 -35.38
C5 5MC C 48 17.70 -29.44 -33.35
C6 5MC C 48 16.99 -28.78 -32.42
CM5 5MC C 48 17.91 -30.93 -33.27
P 5MC C 49 11.88 -25.17 -30.23
OP1 5MC C 49 10.91 -26.34 -30.36
OP2 5MC C 49 11.84 -24.22 -31.41
O5' 5MC C 49 11.45 -24.32 -28.93
C5' 5MC C 49 11.80 -24.82 -27.61
C4' 5MC C 49 10.55 -25.30 -26.90
O4' 5MC C 49 9.46 -24.39 -27.17
C3' 5MC C 49 10.01 -26.67 -27.32
O3' 5MC C 49 10.71 -27.72 -26.68
C2' 5MC C 49 8.55 -26.57 -26.87
O2' 5MC C 49 8.39 -26.84 -25.49
C1' 5MC C 49 8.23 -25.09 -27.11
N1 5MC C 49 7.49 -24.87 -28.39
C2 5MC C 49 6.10 -25.00 -28.39
O2 5MC C 49 5.54 -25.30 -27.33
N3 5MC C 49 5.43 -24.79 -29.55
C4 5MC C 49 6.08 -24.46 -30.67
N4 5MC C 49 5.34 -24.27 -31.76
C5 5MC C 49 7.49 -24.31 -30.68
C6 5MC C 49 8.15 -24.52 -29.54
CM5 5MC C 49 8.20 -23.94 -31.95
N1 2MU C 54 5.58 -36.26 -43.18
C2 2MU C 54 6.68 -35.43 -43.27
N3 2MU C 54 7.52 -35.48 -42.19
C4 2MU C 54 7.38 -36.25 -41.04
C5 2MU C 54 6.20 -37.09 -41.01
C5M 2MU C 54 5.97 -37.97 -39.81
C6 2MU C 54 5.37 -37.06 -42.07
O2 2MU C 54 6.89 -34.72 -44.23
O4 2MU C 54 8.22 -36.19 -40.15
C1' 2MU C 54 4.63 -36.25 -44.31
C2' 2MU C 54 5.02 -37.21 -45.44
O2' 2MU C 54 4.59 -36.69 -46.69
C3' 2MU C 54 4.24 -38.46 -45.06
C4' 2MU C 54 2.93 -37.85 -44.56
O3' 2MU C 54 4.00 -39.32 -46.17
O4' 2MU C 54 3.36 -36.66 -43.83
C5' 2MU C 54 2.12 -38.73 -43.65
O5' 2MU C 54 3.00 -39.35 -42.68
C6' 2MU C 54 5.09 -35.39 -46.96
P 2MU C 54 2.40 -40.49 -41.72
OP1 2MU C 54 1.61 -41.44 -42.62
OP2 2MU C 54 3.57 -41.15 -41.03
N1 PSU C 55 7.75 -39.77 -42.96
C2 PSU C 55 8.58 -39.56 -41.90
N3 PSU C 55 9.69 -38.79 -42.15
C4 PSU C 55 9.99 -38.23 -43.36
C5 PSU C 55 9.11 -38.47 -44.43
C6 PSU C 55 7.99 -39.26 -44.20
O2 PSU C 55 8.34 -40.03 -40.80
O4 PSU C 55 11.02 -37.56 -43.47
C1' PSU C 55 9.40 -37.92 -45.80
C2' PSU C 55 10.25 -38.86 -46.67
O2' PSU C 55 10.97 -38.14 -47.64
C3' PSU C 55 9.17 -39.78 -47.24
C4' PSU C 55 8.11 -38.73 -47.60
O3' PSU C 55 9.64 -40.45 -48.41
O4' PSU C 55 8.18 -37.75 -46.54
C5' PSU C 55 6.70 -39.24 -47.72
O5' PSU C 55 6.39 -40.07 -46.57
P PSU C 55 4.90 -40.64 -46.39
OP1 PSU C 55 4.55 -41.35 -47.69
OP2 PSU C 55 4.90 -41.53 -45.17
P 1MA C 58 13.18 -37.37 -40.00
OP1 1MA C 58 13.18 -37.51 -38.49
OP2 1MA C 58 11.87 -37.72 -40.66
O5' 1MA C 58 13.43 -35.82 -40.34
C5' 1MA C 58 14.66 -35.20 -39.89
C4' 1MA C 58 14.38 -33.75 -39.56
O4' 1MA C 58 13.68 -33.16 -40.69
C3' 1MA C 58 13.49 -33.51 -38.34
O3' 1MA C 58 13.83 -32.31 -37.67
C2' 1MA C 58 12.10 -33.39 -38.96
O2' 1MA C 58 11.21 -32.63 -38.17
C1' 1MA C 58 12.43 -32.66 -40.26
N9 1MA C 58 11.47 -32.89 -41.34
C8 1MA C 58 10.58 -33.93 -41.41
N7 1MA C 58 9.82 -33.88 -42.48
C5 1MA C 58 10.22 -32.72 -43.13
C6 1MA C 58 9.75 -32.15 -44.32
N6 1MA C 58 8.80 -32.51 -45.07
N1 1MA C 58 10.50 -31.02 -44.70
CM1 1MA C 58 10.23 -30.39 -46.00
C2 1MA C 58 11.47 -30.47 -43.90
N3 1MA C 58 11.86 -30.96 -42.76
C4 1MA C 58 11.23 -32.11 -42.42
N MET D 1 27.30 -2.95 16.82
CA MET D 1 26.18 -3.84 16.49
C MET D 1 25.07 -3.17 15.66
N PRO D 2 24.77 -1.87 15.90
CA PRO D 2 23.83 -1.18 15.01
C PRO D 2 24.21 -1.33 13.55
N MET D 3 23.22 -1.60 12.70
CA MET D 3 23.49 -1.94 11.31
C MET D 3 24.13 -0.76 10.59
N TYR D 4 24.94 -1.08 9.58
CA TYR D 4 25.65 -0.09 8.79
C TYR D 4 24.66 0.90 8.19
N GLN D 5 25.08 2.14 8.01
CA GLN D 5 24.19 3.22 7.62
C GLN D 5 23.95 3.19 6.11
N VAL D 6 22.68 3.22 5.72
CA VAL D 6 22.29 3.32 4.32
C VAL D 6 21.56 4.63 4.13
N LYS D 7 21.96 5.38 3.10
CA LYS D 7 21.35 6.69 2.89
C LYS D 7 19.89 6.54 2.46
N PRO D 8 19.01 7.38 2.97
CA PRO D 8 17.60 7.32 2.55
C PRO D 8 17.46 7.59 1.06
N TYR D 9 16.55 6.84 0.43
CA TYR D 9 16.32 7.01 -1.00
C TYR D 9 15.65 8.34 -1.30
N HIS D 10 14.72 8.76 -0.45
CA HIS D 10 13.91 9.95 -0.69
C HIS D 10 14.62 11.20 -0.14
N GLY D 11 15.82 11.44 -0.69
CA GLY D 11 16.60 12.59 -0.28
C GLY D 11 17.24 12.41 1.08
N GLY D 12 16.41 12.38 2.13
CA GLY D 12 16.90 12.22 3.48
C GLY D 12 17.24 13.50 4.21
N GLY D 13 17.24 14.64 3.52
CA GLY D 13 17.49 15.91 4.18
C GLY D 13 16.25 16.80 4.15
N ALA D 14 15.09 16.18 4.37
CA ALA D 14 13.78 16.83 4.22
C ALA D 14 13.68 17.52 2.87
N PRO D 15 13.87 16.80 1.76
CA PRO D 15 13.82 17.48 0.46
C PRO D 15 12.41 17.81 0.02
N LEU D 16 11.40 17.19 0.63
CA LEU D 16 10.03 17.37 0.18
C LEU D 16 9.40 18.61 0.81
N ARG D 17 10.07 19.75 0.69
CA ARG D 17 9.47 21.02 1.08
C ARG D 17 8.56 21.47 -0.05
N VAL D 18 7.41 20.80 -0.18
CA VAL D 18 6.56 20.98 -1.36
C VAL D 18 5.97 22.38 -1.38
N GLU D 19 5.94 22.98 -2.57
CA GLU D 19 5.25 24.24 -2.78
C GLU D 19 3.76 23.94 -2.94
N LEU D 20 2.96 24.42 -1.99
CA LEU D 20 1.55 24.08 -1.93
C LEU D 20 0.70 25.19 -2.53
N PRO D 21 -0.48 24.85 -3.07
CA PRO D 21 -1.42 25.82 -3.64
C PRO D 21 -1.89 26.86 -2.61
N MET E 1 -9.04 31.50 -5.00
CA MET E 1 -9.05 30.06 -5.38
C MET E 1 -8.15 29.24 -4.43
N PRO E 2 -6.94 29.68 -4.04
CA PRO E 2 -6.15 28.93 -3.08
C PRO E 2 -7.07 28.45 -1.99
N MET E 3 -7.12 27.13 -1.77
CA MET E 3 -8.01 26.55 -0.74
C MET E 3 -7.59 27.04 0.65
N TYR E 4 -8.55 27.18 1.57
CA TYR E 4 -8.22 27.58 2.96
C TYR E 4 -7.18 26.62 3.50
N GLN E 5 -6.39 27.07 4.48
CA GLN E 5 -5.31 26.23 5.00
C GLN E 5 -5.75 25.45 6.21
N VAL E 6 -5.65 24.13 6.16
CA VAL E 6 -5.94 23.29 7.35
C VAL E 6 -4.55 22.84 7.83
N LYS E 7 -4.36 22.61 9.13
CA LYS E 7 -3.01 22.29 9.64
C LYS E 7 -2.73 20.80 9.53
N PRO E 8 -1.52 20.36 9.10
CA PRO E 8 -1.26 18.94 8.92
C PRO E 8 -1.46 18.18 10.20
N TYR E 9 -2.10 17.02 10.13
CA TYR E 9 -2.41 16.24 11.33
C TYR E 9 -1.18 15.61 11.84
N HIS E 10 -0.42 15.04 10.92
CA HIS E 10 0.78 14.26 11.33
C HIS E 10 1.86 15.27 11.66
N GLY E 11 1.52 16.22 12.52
CA GLY E 11 2.47 17.29 12.86
C GLY E 11 3.09 17.86 11.60
N GLY E 12 4.27 18.47 11.72
CA GLY E 12 4.90 19.11 10.56
C GLY E 12 6.34 19.47 10.86
N GLY E 13 7.10 19.91 9.85
CA GLY E 13 8.54 20.16 10.07
C GLY E 13 9.17 18.96 10.71
N ALA E 14 8.89 17.77 10.17
CA ALA E 14 9.38 16.51 10.77
C ALA E 14 9.07 16.53 12.27
N PRO E 15 7.80 16.35 12.71
CA PRO E 15 7.51 16.30 14.14
C PRO E 15 8.09 15.04 14.76
N LEU E 16 7.92 13.90 14.07
CA LEU E 16 8.45 12.61 14.58
C LEU E 16 9.96 12.53 14.32
N ARG E 17 10.76 12.49 15.38
CA ARG E 17 12.22 12.32 15.21
C ARG E 17 12.52 10.82 15.39
N VAL E 18 12.17 10.02 14.39
CA VAL E 18 12.34 8.54 14.51
C VAL E 18 13.75 8.22 15.00
N GLU E 19 13.86 7.40 16.05
CA GLU E 19 15.18 7.07 16.65
C GLU E 19 15.77 5.85 15.93
N LEU E 20 16.51 6.08 14.85
CA LEU E 20 17.13 4.96 14.08
C LEU E 20 18.11 4.22 15.00
N PRO E 21 17.95 2.90 15.22
CA PRO E 21 18.83 2.16 16.13
C PRO E 21 20.21 1.97 15.52
N LYS F . -12.37 6.85 -9.61
CA LYS F . -12.46 8.28 -9.86
C LYS F . -11.91 8.62 -11.24
O LYS F . -12.66 8.99 -12.15
CB LYS F . -11.72 9.06 -8.79
CG LYS F . -11.53 10.53 -9.11
CD LYS F . -12.86 11.25 -9.17
CE LYS F . -13.54 11.22 -7.83
NZ LYS F . -15.03 11.14 -7.95
OXT LYS F . -10.71 8.54 -11.48
P AMP G . -10.54 5.64 -12.90
O1P AMP G . -10.98 4.42 -13.67
O2P AMP G . -10.54 6.87 -13.75
O3P AMP G . -11.29 5.79 -11.60
O5' AMP G . -9.01 5.37 -12.47
C5' AMP G . -8.15 6.50 -12.14
C4' AMP G . -6.93 6.43 -13.02
O4' AMP G . -6.39 5.09 -12.98
C3' AMP G . -7.16 6.70 -14.51
O3' AMP G . -7.02 8.08 -14.79
C2' AMP G . -6.04 5.91 -15.18
O2' AMP G . -4.88 6.70 -15.29
C1' AMP G . -5.81 4.75 -14.22
N9 AMP G . -6.39 3.49 -14.68
C8 AMP G . -7.70 3.25 -15.02
N7 AMP G . -7.91 2.02 -15.40
C5 AMP G . -6.67 1.41 -15.34
C6 AMP G . -6.24 0.11 -15.62
N6 AMP G . -7.05 -0.85 -16.05
N1 AMP G . -4.94 -0.17 -15.45
C2 AMP G . -4.13 0.81 -15.00
N3 AMP G . -4.42 2.06 -14.70
C4 AMP G . -5.72 2.31 -14.89
N LYS H . 4.73 -12.86 7.01
CA LYS H . 4.76 -13.37 8.37
C LYS H . 3.38 -13.36 9.00
O LYS H . 2.47 -12.69 8.53
CB LYS H . 5.72 -12.54 9.22
CG LYS H . 7.02 -12.21 8.53
CD LYS H . 8.21 -12.56 9.40
CE LYS H . 9.50 -12.47 8.63
NZ LYS H . 9.43 -13.17 7.32
OXT LYS H . 3.14 -14.04 10.00
P AMP I . 0.19 -13.73 11.73
O1P AMP I . 1.22 -13.70 12.83
O2P AMP I . 0.20 -15.02 10.96
O3P AMP I . 0.26 -12.51 10.82
O5' AMP I . -1.25 -13.67 12.46
C5' AMP I . -1.41 -12.87 13.65
C4' AMP I . -1.15 -11.41 13.33
O4' AMP I . -1.92 -11.05 12.16
C3' AMP I . -1.57 -10.41 14.40
O3' AMP I . -0.85 -9.19 14.28
C2' AMP I . -3.05 -10.22 14.07
O2' AMP I . -3.57 -8.98 14.48
C1' AMP I . -3.08 -10.34 12.55
N9 AMP I . -4.25 -11.05 12.05
C8 AMP I . -4.32 -12.38 11.70
N7 AMP I . -5.50 -12.74 11.30
C5 AMP I . -6.27 -11.59 11.41
C6 AMP I . -7.63 -11.33 11.14
N6 AMP I . -8.48 -12.25 10.69
N1 AMP I . -8.07 -10.07 11.36
C2 AMP I . -7.21 -9.16 11.83
N3 AMP I . -5.92 -9.29 12.12
C4 AMP I . -5.51 -10.54 11.89
NA NA J . 30.88 -27.05 -29.05
NA NA K . 17.34 -18.11 -25.42
MG MG L . 39.10 -21.96 -15.31
MG MG M . 0.98 -19.18 -31.55
#